data_6H0B
#
_entry.id   6H0B
#
_cell.length_a   66.090
_cell.length_b   81.332
_cell.length_c   84.863
_cell.angle_alpha   65.55
_cell.angle_beta   68.66
_cell.angle_gamma   74.31
#
_symmetry.space_group_name_H-M   'P 1'
#
loop_
_entity.id
_entity.type
_entity.pdbx_description
1 polymer 'Polypeptide N-acetylgalactosaminyltransferase 4'
2 polymer ALA-THR-GLY-ALA-GLY-ALA-GLY-ALA-GLY-THR-THR-PRO-GLY-PRO-GLY
3 non-polymer 1,2-ETHANEDIOL
4 non-polymer 'MANGANESE (II) ION'
5 non-polymer "URIDINE-5'-DIPHOSPHATE"
6 non-polymer GLYCEROL
7 non-polymer 2-acetamido-2-deoxy-beta-D-galactopyranose
8 water water
#
loop_
_entity_poly.entity_id
_entity_poly.type
_entity_poly.pdbx_seq_one_letter_code
_entity_poly.pdbx_strand_id
1 'polypeptide(L)'
;MAVRWTWAGKSCLLLAFLTVAYIFVELLVSTFHASAGAGRARELGSRRLSDLQKNTEDLSRPLYKKPPADSRALGEWGKA
SKLQLNEDELKQQEELIERYAINIYLSDRISLHRHIEDKRMYECKSQKFNYRTLPTTSVIIAFYNEAWSTLLRTIHSVLE
TSPAVLLKEIILVDDLSDRVYLKTQLETYISNLDRVRLIRTNKREGLVRARLIGATFATGDVLTFLDCHCECNSGWLEPL
LERIGRDETAVVCPVIDTIDWNTFEFYMQIGEPMIGGFDWRLTFQWHSVPKQERDRRISRIDPIRSPTMAGGLFAVSKKY
FQYLGTYDTGMEVWGGENLELSFRVWQCGGKLEIHPCSHVGHVFPKRAPYARPNFLQNTARAAEVWMDEYKEHFYNRNPP
ARKEAYGDISERKLLRERLRCKSFDWYLKNVFPNLHVPEDRPGWHGAIRSRGISSECLDYNSPDNNPTGANLSLFGCHGQ
GGNQFFEYTSNKEIRFNSVTELCAEVPEQKNYVGMQNCPKDGFPVPANIIWHFKEDGTIFHPHSGLCLSAYRTPEGRPDV
QMRTCDALDKNQIWSFEK
;
A,B
2 'polypeptide(L)' GATGAGAGAGTTPGPG F
#
loop_
_chem_comp.id
_chem_comp.type
_chem_comp.name
_chem_comp.formula
EDO non-polymer 1,2-ETHANEDIOL 'C2 H6 O2'
GOL non-polymer GLYCEROL 'C3 H8 O3'
MN non-polymer 'MANGANESE (II) ION' 'Mn 2'
NGA D-saccharide, beta linking 2-acetamido-2-deoxy-beta-D-galactopyranose 'C8 H15 N O6'
UDP RNA linking URIDINE-5'-DIPHOSPHATE 'C9 H14 N2 O12 P2'
#
# COMPACT_ATOMS: atom_id res chain seq x y z
N ASP A 58 26.31 -5.55 9.12
CA ASP A 58 25.39 -4.54 9.75
C ASP A 58 24.85 -3.52 8.72
N LEU A 59 23.67 -3.80 8.23
CA LEU A 59 23.06 -2.99 7.18
C LEU A 59 22.57 -1.64 7.69
N SER A 60 22.60 -1.40 9.00
CA SER A 60 22.30 -0.11 9.57
C SER A 60 23.43 0.89 9.35
N ARG A 61 24.62 0.47 8.91
CA ARG A 61 25.77 1.38 8.95
C ARG A 61 25.57 2.58 7.98
N PRO A 62 25.93 3.79 8.43
CA PRO A 62 25.83 4.94 7.55
C PRO A 62 27.04 5.02 6.63
N LEU A 63 26.95 5.82 5.59
CA LEU A 63 28.07 6.01 4.69
C LEU A 63 29.33 6.53 5.38
N TYR A 64 29.16 7.43 6.37
CA TYR A 64 30.27 8.00 7.15
C TYR A 64 29.91 7.92 8.62
N LYS A 65 30.90 7.65 9.45
CA LYS A 65 30.68 7.38 10.87
C LYS A 65 31.10 8.61 11.63
N LYS A 66 30.32 9.05 12.61
CA LYS A 66 30.71 10.22 13.43
C LYS A 66 32.01 9.85 14.14
N PRO A 67 32.95 10.80 14.30
CA PRO A 67 34.04 10.56 15.24
C PRO A 67 33.50 10.27 16.64
N PRO A 68 34.34 9.72 17.54
CA PRO A 68 33.85 9.43 18.90
C PRO A 68 33.34 10.69 19.58
N ALA A 69 32.29 10.56 20.36
CA ALA A 69 31.77 11.72 21.09
C ALA A 69 32.85 12.21 22.10
N ASP A 70 32.92 13.51 22.26
CA ASP A 70 33.88 14.18 23.11
C ASP A 70 33.13 15.13 24.00
N SER A 71 32.97 14.72 25.26
CA SER A 71 32.17 15.45 26.23
C SER A 71 32.74 16.82 26.55
N ARG A 72 34.01 17.06 26.23
CA ARG A 72 34.57 18.40 26.36
C ARG A 72 34.29 19.32 25.19
N ALA A 73 33.93 18.79 24.02
CA ALA A 73 33.67 19.67 22.85
C ALA A 73 32.38 20.48 23.01
N LEU A 74 32.41 21.72 22.55
CA LEU A 74 31.30 22.65 22.68
C LEU A 74 30.04 22.12 21.96
N GLY A 75 28.93 22.11 22.69
CA GLY A 75 27.64 21.60 22.22
C GLY A 75 27.49 20.11 22.04
N GLU A 76 28.43 19.33 22.56
CA GLU A 76 28.35 17.89 22.41
C GLU A 76 27.02 17.38 22.99
N TRP A 77 26.47 16.36 22.31
CA TRP A 77 25.17 15.76 22.59
C TRP A 77 23.98 16.64 22.40
N GLY A 78 24.15 17.85 21.88
CA GLY A 78 23.08 18.83 21.79
C GLY A 78 22.78 19.60 23.04
N LYS A 79 23.67 19.53 24.03
CA LYS A 79 23.55 20.39 25.20
C LYS A 79 23.80 21.82 24.79
N ALA A 80 23.19 22.73 25.54
CA ALA A 80 23.41 24.17 25.36
C ALA A 80 24.88 24.56 25.39
N SER A 81 25.17 25.58 24.61
CA SER A 81 26.51 26.14 24.51
C SER A 81 26.41 27.61 24.90
N LYS A 82 27.44 28.08 25.62
CA LYS A 82 27.57 29.47 26.10
C LYS A 82 29.06 29.79 26.00
N LEU A 83 29.40 30.86 25.30
CA LEU A 83 30.82 31.21 25.16
C LEU A 83 31.12 32.32 26.17
N GLN A 84 32.32 32.33 26.71
CA GLN A 84 32.83 33.47 27.50
C GLN A 84 33.61 34.38 26.53
N LEU A 85 33.00 35.49 26.15
CA LEU A 85 33.49 36.34 25.09
C LEU A 85 33.87 37.75 25.59
N ASN A 86 34.96 38.32 25.06
CA ASN A 86 35.29 39.75 25.32
C ASN A 86 34.38 40.60 24.48
N GLU A 87 34.49 41.91 24.63
CA GLU A 87 33.54 42.82 23.96
C GLU A 87 33.62 42.79 22.45
N ASP A 88 34.83 42.56 21.91
CA ASP A 88 35.01 42.51 20.44
C ASP A 88 34.21 41.32 19.90
N GLU A 89 34.41 40.19 20.56
CA GLU A 89 33.84 38.92 20.16
C GLU A 89 32.33 38.97 20.31
N LEU A 90 31.85 39.56 21.40
CA LEU A 90 30.40 39.85 21.55
C LEU A 90 29.81 40.56 20.38
N LYS A 91 30.54 41.55 19.87
CA LYS A 91 30.10 42.31 18.72
C LYS A 91 30.03 41.49 17.40
N GLN A 92 31.02 40.65 17.18
CA GLN A 92 31.04 39.68 16.04
C GLN A 92 29.81 38.75 16.12
N GLN A 93 29.59 38.18 17.29
CA GLN A 93 28.40 37.32 17.55
C GLN A 93 27.12 38.05 17.21
N GLU A 94 26.99 39.28 17.72
CA GLU A 94 25.76 40.05 17.48
C GLU A 94 25.56 40.34 16.02
N GLU A 95 26.62 40.71 15.32
CA GLU A 95 26.46 41.10 13.91
C GLU A 95 25.97 39.91 13.03
N LEU A 96 26.50 38.70 13.29
CA LEU A 96 26.04 37.51 12.55
C LEU A 96 24.59 37.19 12.87
N ILE A 97 24.19 37.40 14.12
CA ILE A 97 22.77 37.22 14.48
C ILE A 97 21.88 38.23 13.77
N GLU A 98 22.33 39.47 13.68
CA GLU A 98 21.56 40.47 12.91
C GLU A 98 21.39 40.05 11.47
N ARG A 99 22.42 39.42 10.91
CA ARG A 99 22.38 39.08 9.47
C ARG A 99 21.60 37.80 9.19
N TYR A 100 21.74 36.80 10.05
CA TYR A 100 21.22 35.40 9.79
C TYR A 100 20.03 34.98 10.67
N ALA A 101 19.77 35.74 11.73
CA ALA A 101 18.76 35.42 12.72
C ALA A 101 19.06 34.10 13.42
N ILE A 102 20.33 33.69 13.38
CA ILE A 102 20.83 32.51 14.04
C ILE A 102 22.24 32.86 14.57
N ASN A 103 22.65 32.25 15.67
CA ASN A 103 23.97 32.50 16.21
C ASN A 103 25.04 31.71 15.49
N ILE A 104 25.42 32.23 14.33
CA ILE A 104 26.40 31.57 13.46
C ILE A 104 27.81 31.57 14.05
N TYR A 105 28.12 32.60 14.81
CA TYR A 105 29.39 32.69 15.53
C TYR A 105 29.54 31.46 16.40
N LEU A 106 28.46 31.11 17.12
CA LEU A 106 28.47 29.91 17.93
C LEU A 106 28.48 28.63 17.07
N SER A 107 27.59 28.58 16.06
CA SER A 107 27.56 27.43 15.16
C SER A 107 28.95 27.11 14.61
N ASP A 108 29.70 28.16 14.25
CA ASP A 108 31.04 27.94 13.73
C ASP A 108 32.00 27.28 14.69
N ARG A 109 31.71 27.31 15.99
CA ARG A 109 32.56 26.67 16.98
C ARG A 109 32.01 25.36 17.52
N ILE A 110 30.91 24.88 16.92
CA ILE A 110 30.38 23.55 17.22
C ILE A 110 30.69 22.61 16.07
N SER A 111 31.08 21.39 16.41
CA SER A 111 31.45 20.44 15.39
C SER A 111 30.33 20.22 14.37
N LEU A 112 30.72 20.03 13.12
CA LEU A 112 29.76 19.72 12.06
C LEU A 112 29.25 18.29 12.18
N HIS A 113 29.84 17.54 13.12
CA HIS A 113 29.62 16.15 13.29
C HIS A 113 29.06 15.79 14.66
N ARG A 114 28.53 16.75 15.41
CA ARG A 114 28.23 16.46 16.81
C ARG A 114 27.20 15.39 16.99
N HIS A 115 27.32 14.68 18.10
CA HIS A 115 26.28 13.78 18.57
C HIS A 115 25.10 14.54 19.14
N ILE A 116 23.93 13.91 19.06
CA ILE A 116 22.70 14.35 19.70
C ILE A 116 22.30 13.18 20.59
N GLU A 117 22.00 13.48 21.84
CA GLU A 117 21.55 12.45 22.75
C GLU A 117 20.14 11.97 22.35
N ASP A 118 20.03 10.68 22.27
CA ASP A 118 18.77 10.03 21.90
C ASP A 118 17.92 9.81 23.13
N LYS A 119 16.94 10.67 23.31
CA LYS A 119 16.01 10.61 24.40
C LYS A 119 14.61 10.13 23.96
N ARG A 120 14.54 9.33 22.90
CA ARG A 120 13.25 8.78 22.45
C ARG A 120 12.64 7.83 23.47
N MET A 121 11.36 7.58 23.32
CA MET A 121 10.70 6.50 24.08
C MET A 121 11.44 5.16 23.86
N TYR A 122 11.59 4.41 24.94
CA TYR A 122 12.39 3.17 24.94
C TYR A 122 12.06 2.18 23.83
N GLU A 123 10.79 2.02 23.50
CA GLU A 123 10.37 1.08 22.47
C GLU A 123 11.01 1.47 21.08
N CYS A 124 11.20 2.76 20.85
CA CYS A 124 11.85 3.20 19.62
C CYS A 124 13.22 2.60 19.43
N LYS A 125 13.98 2.46 20.51
CA LYS A 125 15.36 2.11 20.45
C LYS A 125 15.61 0.66 20.25
N SER A 126 14.62 -0.18 20.46
CA SER A 126 14.74 -1.59 20.28
C SER A 126 14.03 -2.09 19.07
N GLN A 127 13.42 -1.21 18.27
CA GLN A 127 12.78 -1.66 17.03
C GLN A 127 13.82 -2.29 16.08
N LYS A 128 13.42 -3.35 15.39
CA LYS A 128 14.29 -4.01 14.44
C LYS A 128 13.73 -3.75 13.07
N PHE A 129 14.61 -3.54 12.11
CA PHE A 129 14.16 -3.26 10.74
C PHE A 129 14.71 -4.29 9.79
N ASN A 130 13.96 -4.62 8.76
CA ASN A 130 14.50 -5.39 7.66
C ASN A 130 15.04 -4.48 6.56
N TYR A 131 16.35 -4.28 6.59
CA TYR A 131 17.03 -3.36 5.70
C TYR A 131 17.06 -3.80 4.26
N ARG A 132 16.85 -5.08 3.98
CA ARG A 132 16.78 -5.55 2.60
C ARG A 132 15.47 -5.23 1.92
N THR A 133 14.39 -4.99 2.66
CA THR A 133 13.11 -4.71 2.02
C THR A 133 12.56 -3.26 2.22
N LEU A 134 13.26 -2.43 2.99
CA LEU A 134 12.83 -1.07 3.18
C LEU A 134 13.08 -0.31 1.88
N PRO A 135 12.19 0.63 1.54
CA PRO A 135 12.46 1.51 0.37
C PRO A 135 13.66 2.38 0.56
N THR A 136 14.21 2.87 -0.56
CA THR A 136 15.30 3.86 -0.55
C THR A 136 14.74 5.25 -0.52
N THR A 137 15.61 6.22 -0.20
CA THR A 137 15.18 7.56 -0.24
C THR A 137 16.19 8.48 -0.91
N SER A 138 15.64 9.58 -1.40
CA SER A 138 16.39 10.73 -1.85
C SER A 138 16.06 11.86 -0.88
N VAL A 139 17.06 12.32 -0.14
CA VAL A 139 16.88 13.40 0.78
C VAL A 139 17.09 14.70 0.01
N ILE A 140 16.13 15.65 0.13
CA ILE A 140 16.13 16.88 -0.67
C ILE A 140 16.16 18.08 0.29
N ILE A 141 17.20 18.89 0.10
CA ILE A 141 17.45 20.05 0.93
C ILE A 141 17.63 21.29 0.03
N ALA A 142 16.63 22.14 -0.01
CA ALA A 142 16.75 23.44 -0.68
C ALA A 142 17.38 24.45 0.28
N PHE A 143 18.12 25.40 -0.27
CA PHE A 143 18.69 26.49 0.55
C PHE A 143 18.86 27.80 -0.22
N TYR A 144 18.82 28.89 0.55
CA TYR A 144 19.01 30.25 0.05
C TYR A 144 19.81 31.06 1.06
N ASN A 145 21.07 31.33 0.72
CA ASN A 145 21.94 32.14 1.55
C ASN A 145 22.13 31.56 2.99
N GLU A 146 22.18 30.24 3.11
CA GLU A 146 22.43 29.61 4.42
C GLU A 146 23.87 29.81 4.83
N ALA A 147 24.10 30.01 6.11
CA ALA A 147 25.46 30.03 6.65
C ALA A 147 26.11 28.70 6.38
N TRP A 148 27.42 28.76 6.15
CA TRP A 148 28.20 27.58 5.89
C TRP A 148 28.08 26.48 6.95
N SER A 149 28.24 26.82 8.24
CA SER A 149 28.38 25.78 9.27
C SER A 149 27.02 25.08 9.49
N THR A 150 25.92 25.80 9.45
CA THR A 150 24.61 25.13 9.56
C THR A 150 24.25 24.28 8.37
N LEU A 151 24.51 24.78 7.15
CA LEU A 151 24.25 23.97 5.96
C LEU A 151 25.07 22.69 6.00
N LEU A 152 26.35 22.79 6.28
CA LEU A 152 27.22 21.59 6.30
C LEU A 152 26.91 20.64 7.45
N ARG A 153 26.55 21.19 8.58
CA ARG A 153 26.19 20.29 9.70
C ARG A 153 24.96 19.46 9.33
N THR A 154 24.01 20.06 8.62
CA THR A 154 22.85 19.31 8.12
C THR A 154 23.26 18.18 7.20
N ILE A 155 24.15 18.49 6.25
CA ILE A 155 24.62 17.50 5.32
C ILE A 155 25.34 16.35 6.02
N HIS A 156 26.28 16.68 6.90
CA HIS A 156 26.99 15.62 7.61
C HIS A 156 26.09 14.81 8.52
N SER A 157 25.13 15.46 9.11
CA SER A 157 24.18 14.76 9.99
C SER A 157 23.40 13.67 9.23
N VAL A 158 22.91 14.02 8.07
CA VAL A 158 22.20 13.04 7.19
C VAL A 158 23.12 11.88 6.83
N LEU A 159 24.36 12.22 6.44
CA LEU A 159 25.31 11.24 6.05
C LEU A 159 25.67 10.31 7.19
N GLU A 160 25.69 10.82 8.40
CA GLU A 160 26.18 10.11 9.55
C GLU A 160 25.12 9.39 10.34
N THR A 161 23.83 9.68 10.08
CA THR A 161 22.72 9.06 10.81
C THR A 161 21.80 8.19 9.93
N SER A 162 22.03 8.16 8.63
CA SER A 162 21.16 7.46 7.70
C SER A 162 21.87 6.21 7.19
N PRO A 163 21.22 5.04 7.26
CA PRO A 163 21.87 3.83 6.75
C PRO A 163 22.17 3.96 5.29
N ALA A 164 23.39 3.62 4.91
CA ALA A 164 23.85 3.70 3.54
C ALA A 164 22.98 2.92 2.58
N VAL A 165 22.50 1.73 2.96
CA VAL A 165 21.60 0.98 2.04
C VAL A 165 20.28 1.66 1.72
N LEU A 166 19.83 2.58 2.56
CA LEU A 166 18.62 3.32 2.34
C LEU A 166 18.81 4.69 1.70
N LEU A 167 19.99 5.28 1.80
CA LEU A 167 20.22 6.65 1.33
C LEU A 167 20.78 6.61 -0.09
N LYS A 168 19.92 6.73 -1.06
CA LYS A 168 20.29 6.72 -2.43
C LYS A 168 21.10 7.97 -2.79
N GLU A 169 20.71 9.12 -2.23
CA GLU A 169 21.31 10.40 -2.56
C GLU A 169 20.81 11.50 -1.63
N ILE A 170 21.64 12.54 -1.48
CA ILE A 170 21.26 13.79 -0.96
C ILE A 170 21.31 14.78 -2.09
N ILE A 171 20.22 15.45 -2.35
CA ILE A 171 20.15 16.47 -3.40
C ILE A 171 19.98 17.85 -2.80
N LEU A 172 21.01 18.66 -2.93
CA LEU A 172 20.99 20.02 -2.48
C LEU A 172 20.55 20.93 -3.64
N VAL A 173 19.68 21.87 -3.35
CA VAL A 173 19.11 22.79 -4.34
C VAL A 173 19.43 24.21 -3.91
N ASP A 174 20.42 24.77 -4.59
CA ASP A 174 20.81 26.14 -4.39
C ASP A 174 19.82 27.05 -5.14
N ASP A 175 18.98 27.71 -4.37
CA ASP A 175 17.93 28.56 -4.89
C ASP A 175 18.44 29.99 -5.11
N LEU A 176 19.32 30.09 -6.10
CA LEU A 176 19.96 31.35 -6.52
C LEU A 176 20.58 32.12 -5.38
N SER A 177 21.39 31.44 -4.56
CA SER A 177 22.11 32.05 -3.46
C SER A 177 23.10 33.07 -4.06
N ASP A 178 23.41 34.11 -3.30
CA ASP A 178 24.41 35.09 -3.73
C ASP A 178 25.71 35.02 -2.94
N ARG A 179 25.75 34.26 -1.83
CA ARG A 179 26.96 34.15 -1.08
C ARG A 179 28.01 33.42 -1.87
N VAL A 180 29.23 33.97 -1.87
CA VAL A 180 30.25 33.46 -2.76
CA VAL A 180 30.28 33.46 -2.75
C VAL A 180 30.73 32.08 -2.28
N TYR A 181 30.72 31.86 -0.95
CA TYR A 181 31.16 30.54 -0.41
C TYR A 181 30.16 29.42 -0.86
N LEU A 182 28.97 29.82 -1.27
CA LEU A 182 27.96 28.83 -1.73
C LEU A 182 28.15 28.54 -3.22
N LYS A 183 29.09 29.19 -3.87
CA LYS A 183 29.31 28.91 -5.31
C LYS A 183 30.27 27.74 -5.53
N THR A 184 31.40 28.00 -6.16
CA THR A 184 32.30 26.88 -6.56
C THR A 184 32.92 26.16 -5.38
N GLN A 185 33.13 26.81 -4.24
CA GLN A 185 33.67 26.05 -3.09
C GLN A 185 32.73 25.00 -2.49
N LEU A 186 31.45 25.26 -2.48
CA LEU A 186 30.49 24.25 -1.99
C LEU A 186 30.55 23.04 -2.89
N GLU A 187 30.66 23.23 -4.22
CA GLU A 187 30.88 22.11 -5.14
C GLU A 187 32.14 21.35 -4.84
N THR A 188 33.23 22.06 -4.57
CA THR A 188 34.44 21.36 -4.22
C THR A 188 34.29 20.57 -2.92
N TYR A 189 33.71 21.18 -1.90
CA TYR A 189 33.56 20.50 -0.61
C TYR A 189 32.72 19.23 -0.77
N ILE A 190 31.61 19.30 -1.48
CA ILE A 190 30.76 18.11 -1.58
C ILE A 190 31.27 17.06 -2.58
N SER A 191 32.29 17.38 -3.41
CA SER A 191 32.85 16.43 -4.36
C SER A 191 33.50 15.23 -3.67
N ASN A 192 33.90 15.42 -2.42
CA ASN A 192 34.44 14.36 -1.58
C ASN A 192 33.38 13.55 -0.81
N LEU A 193 32.08 13.86 -0.96
CA LEU A 193 31.05 13.26 -0.09
C LEU A 193 30.21 12.41 -1.00
N ASP A 194 30.33 11.11 -0.84
CA ASP A 194 29.64 10.15 -1.70
CA ASP A 194 29.66 10.15 -1.70
C ASP A 194 28.13 10.43 -1.64
N ARG A 195 27.51 10.37 -2.80
CA ARG A 195 26.08 10.52 -3.00
C ARG A 195 25.45 11.90 -2.79
N VAL A 196 26.26 12.93 -2.64
CA VAL A 196 25.74 14.27 -2.45
C VAL A 196 25.79 14.94 -3.80
N ARG A 197 24.65 15.48 -4.22
CA ARG A 197 24.46 16.12 -5.51
CA ARG A 197 24.53 16.13 -5.52
C ARG A 197 24.02 17.56 -5.31
N LEU A 198 24.49 18.48 -6.15
CA LEU A 198 24.09 19.90 -6.08
C LEU A 198 23.45 20.39 -7.39
N ILE A 199 22.27 20.97 -7.27
CA ILE A 199 21.57 21.60 -8.38
C ILE A 199 21.44 23.05 -8.07
N ARG A 200 21.62 23.92 -9.06
CA ARG A 200 21.41 25.34 -8.87
CA ARG A 200 21.41 25.37 -8.87
C ARG A 200 20.23 25.82 -9.70
N THR A 201 19.34 26.61 -9.11
CA THR A 201 18.23 27.13 -9.87
C THR A 201 18.77 28.25 -10.76
N ASN A 202 18.00 28.65 -11.77
CA ASN A 202 18.45 29.78 -12.61
C ASN A 202 17.63 31.04 -12.33
N LYS A 203 16.81 30.96 -11.32
CA LYS A 203 16.14 32.11 -10.79
C LYS A 203 15.68 31.76 -9.39
N ARG A 204 15.19 32.76 -8.71
CA ARG A 204 14.72 32.65 -7.36
C ARG A 204 13.37 31.94 -7.35
N GLU A 205 13.35 30.68 -6.89
CA GLU A 205 12.16 29.86 -7.01
C GLU A 205 11.28 29.83 -5.79
N GLY A 206 11.84 30.00 -4.61
CA GLY A 206 11.10 29.77 -3.37
C GLY A 206 11.22 28.30 -2.96
N LEU A 207 10.90 28.04 -1.69
CA LEU A 207 11.09 26.73 -1.10
C LEU A 207 10.39 25.63 -1.87
N VAL A 208 9.12 25.86 -2.16
CA VAL A 208 8.29 24.84 -2.84
C VAL A 208 8.85 24.48 -4.19
N ARG A 209 9.07 25.47 -5.03
CA ARG A 209 9.56 25.19 -6.35
C ARG A 209 10.97 24.67 -6.40
N ALA A 210 11.79 25.12 -5.45
CA ALA A 210 13.14 24.61 -5.36
C ALA A 210 13.06 23.13 -4.95
N ARG A 211 12.21 22.82 -3.99
CA ARG A 211 11.97 21.39 -3.67
C ARG A 211 11.53 20.57 -4.87
N LEU A 212 10.60 21.09 -5.65
CA LEU A 212 10.09 20.36 -6.81
C LEU A 212 11.17 20.10 -7.83
N ILE A 213 12.07 21.08 -8.00
CA ILE A 213 13.21 20.88 -8.86
C ILE A 213 14.09 19.77 -8.34
N GLY A 214 14.35 19.74 -7.05
CA GLY A 214 15.09 18.58 -6.53
C GLY A 214 14.38 17.26 -6.75
N ALA A 215 13.09 17.28 -6.48
CA ALA A 215 12.26 16.05 -6.60
C ALA A 215 12.32 15.52 -8.03
N THR A 216 12.29 16.42 -9.02
CA THR A 216 12.36 15.98 -10.41
CA THR A 216 12.37 16.02 -10.43
C THR A 216 13.66 15.24 -10.69
N PHE A 217 14.77 15.63 -10.05
CA PHE A 217 16.03 14.92 -10.20
C PHE A 217 16.13 13.63 -9.39
N ALA A 218 15.33 13.50 -8.33
CA ALA A 218 15.44 12.35 -7.44
C ALA A 218 14.96 11.06 -8.11
N THR A 219 15.69 9.99 -7.85
CA THR A 219 15.26 8.67 -8.27
C THR A 219 15.15 7.63 -7.15
N GLY A 220 15.18 8.06 -5.90
CA GLY A 220 14.84 7.16 -4.78
C GLY A 220 13.38 6.75 -4.79
N ASP A 221 13.05 5.70 -4.02
CA ASP A 221 11.66 5.29 -3.86
C ASP A 221 10.83 6.36 -3.15
N VAL A 222 11.45 6.99 -2.14
CA VAL A 222 10.81 7.92 -1.27
C VAL A 222 11.51 9.28 -1.34
N LEU A 223 10.73 10.35 -1.47
CA LEU A 223 11.26 11.70 -1.33
C LEU A 223 11.22 12.07 0.16
N THR A 224 12.38 12.42 0.72
CA THR A 224 12.41 12.96 2.10
C THR A 224 12.92 14.40 2.02
N PHE A 225 12.00 15.35 2.30
CA PHE A 225 12.28 16.74 2.34
C PHE A 225 12.73 17.18 3.73
N LEU A 226 13.98 17.66 3.82
CA LEU A 226 14.46 18.28 5.05
C LEU A 226 14.72 19.73 4.74
N ASP A 227 15.14 20.51 5.73
CA ASP A 227 15.61 21.83 5.41
C ASP A 227 17.09 22.04 5.76
N CYS A 228 17.64 23.20 5.45
CA CYS A 228 19.07 23.41 5.47
C CYS A 228 19.66 23.86 6.79
N HIS A 229 18.91 23.77 7.88
CA HIS A 229 19.51 23.89 9.21
C HIS A 229 18.81 22.91 10.15
N CYS A 230 19.09 21.65 9.91
CA CYS A 230 18.61 20.63 10.80
CA CYS A 230 18.60 20.55 10.71
C CYS A 230 19.71 19.67 11.22
N GLU A 231 19.39 18.87 12.23
CA GLU A 231 20.26 17.83 12.72
C GLU A 231 19.37 16.62 13.01
N CYS A 232 19.77 15.45 12.48
CA CYS A 232 18.95 14.25 12.63
C CYS A 232 19.29 13.49 13.90
N ASN A 233 18.28 13.00 14.61
CA ASN A 233 18.47 12.03 15.72
C ASN A 233 18.81 10.70 15.15
N SER A 234 19.52 9.86 15.92
CA SER A 234 19.68 8.45 15.61
C SER A 234 18.36 7.80 15.26
N GLY A 235 18.40 6.92 14.26
CA GLY A 235 17.20 6.18 13.88
C GLY A 235 16.02 7.02 13.32
N TRP A 236 16.29 8.22 12.80
CA TRP A 236 15.23 9.10 12.31
C TRP A 236 14.61 8.53 11.02
N LEU A 237 15.41 7.80 10.26
CA LEU A 237 14.98 7.50 8.87
C LEU A 237 14.14 6.23 8.78
N GLU A 238 14.64 5.16 9.40
CA GLU A 238 13.97 3.87 9.32
C GLU A 238 12.46 3.89 9.60
N PRO A 239 12.02 4.65 10.61
CA PRO A 239 10.58 4.58 10.88
C PRO A 239 9.73 5.21 9.79
N LEU A 240 10.25 6.23 9.10
CA LEU A 240 9.52 6.88 8.00
C LEU A 240 9.42 5.89 6.87
N LEU A 241 10.54 5.26 6.53
CA LEU A 241 10.58 4.35 5.36
C LEU A 241 9.82 3.03 5.61
N GLU A 242 9.90 2.56 6.84
CA GLU A 242 9.13 1.38 7.25
C GLU A 242 7.62 1.60 7.12
N ARG A 243 7.12 2.74 7.57
CA ARG A 243 5.71 3.05 7.42
C ARG A 243 5.29 3.19 5.93
N ILE A 244 6.07 3.94 5.16
CA ILE A 244 5.78 4.08 3.74
C ILE A 244 5.85 2.75 3.00
N GLY A 245 6.74 1.84 3.43
CA GLY A 245 6.83 0.52 2.87
C GLY A 245 5.60 -0.34 3.10
N ARG A 246 4.84 -0.08 4.16
CA ARG A 246 3.59 -0.76 4.43
C ARG A 246 2.40 -0.04 3.81
N ASP A 247 2.45 1.29 3.68
CA ASP A 247 1.37 2.04 3.06
C ASP A 247 1.99 3.21 2.27
N GLU A 248 2.04 3.04 0.97
CA GLU A 248 2.65 4.00 0.06
C GLU A 248 1.88 5.31 -0.06
N THR A 249 0.67 5.37 0.47
CA THR A 249 -0.13 6.61 0.51
C THR A 249 0.04 7.36 1.85
N ALA A 250 0.95 6.89 2.71
CA ALA A 250 1.23 7.64 3.94
C ALA A 250 2.34 8.62 3.75
N VAL A 251 2.05 9.88 4.05
CA VAL A 251 2.98 10.96 4.04
C VAL A 251 3.39 11.07 5.53
N VAL A 252 4.65 10.79 5.84
CA VAL A 252 5.09 10.55 7.19
C VAL A 252 6.13 11.59 7.56
N CYS A 253 5.86 12.30 8.65
CA CYS A 253 6.73 13.35 9.13
C CYS A 253 7.47 12.98 10.42
N PRO A 254 8.74 13.40 10.56
CA PRO A 254 9.36 13.27 11.88
C PRO A 254 8.70 14.21 12.85
N VAL A 255 8.90 13.94 14.12
CA VAL A 255 8.68 14.95 15.14
C VAL A 255 9.75 16.01 14.96
N ILE A 256 9.36 17.27 14.86
CA ILE A 256 10.31 18.35 14.63
C ILE A 256 10.65 18.95 15.98
N ASP A 257 11.86 18.73 16.41
CA ASP A 257 12.33 19.28 17.65
C ASP A 257 13.00 20.64 17.44
N THR A 258 12.92 21.50 18.44
CA THR A 258 13.58 22.80 18.39
C THR A 258 15.06 22.76 18.68
N ILE A 259 15.87 23.35 17.79
CA ILE A 259 17.27 23.60 18.08
C ILE A 259 17.34 25.11 18.34
N ASP A 260 17.85 25.48 19.51
CA ASP A 260 17.85 26.87 19.94
C ASP A 260 18.81 27.67 19.04
N TRP A 261 18.31 28.74 18.49
CA TRP A 261 19.07 29.56 17.55
C TRP A 261 20.25 30.28 18.19
N ASN A 262 20.15 30.54 19.50
CA ASN A 262 21.19 31.24 20.26
C ASN A 262 22.19 30.36 20.97
N THR A 263 21.73 29.25 21.53
CA THR A 263 22.60 28.31 22.27
C THR A 263 22.89 26.99 21.58
N PHE A 264 22.12 26.71 20.52
CA PHE A 264 22.23 25.42 19.78
C PHE A 264 21.86 24.22 20.60
N GLU A 265 21.13 24.44 21.71
CA GLU A 265 20.59 23.33 22.48
C GLU A 265 19.52 22.62 21.63
N PHE A 266 19.60 21.31 21.61
CA PHE A 266 18.61 20.47 20.95
C PHE A 266 17.59 20.08 22.01
N TYR A 267 16.35 20.60 21.88
CA TYR A 267 15.24 20.30 22.81
C TYR A 267 14.42 19.09 22.31
N MET A 268 14.77 17.88 22.69
CA MET A 268 14.00 16.70 22.19
C MET A 268 12.65 16.53 22.90
N GLN A 269 11.57 16.35 22.14
CA GLN A 269 10.26 16.01 22.74
C GLN A 269 10.44 14.60 23.28
N ILE A 270 10.10 14.39 24.55
CA ILE A 270 10.39 13.11 25.25
C ILE A 270 9.27 12.08 25.17
N GLY A 271 8.04 12.53 24.90
CA GLY A 271 6.90 11.59 24.82
C GLY A 271 6.04 11.85 23.61
N GLU A 272 4.72 11.87 23.82
CA GLU A 272 3.73 12.04 22.76
C GLU A 272 3.84 13.42 22.14
N PRO A 273 4.03 13.49 20.84
CA PRO A 273 4.10 14.77 20.23
C PRO A 273 2.75 15.49 20.06
N MET A 274 2.79 16.80 19.91
CA MET A 274 1.66 17.56 19.43
C MET A 274 1.47 17.25 17.95
N ILE A 275 0.25 17.44 17.46
CA ILE A 275 -0.04 17.21 16.06
C ILE A 275 -0.70 18.43 15.47
N GLY A 276 -0.86 18.41 14.16
CA GLY A 276 -1.25 19.61 13.40
C GLY A 276 -2.72 19.74 13.09
N GLY A 277 -3.24 20.94 13.34
CA GLY A 277 -4.57 21.30 12.89
C GLY A 277 -4.57 22.75 12.41
N PHE A 278 -5.71 23.37 12.59
CA PHE A 278 -5.93 24.76 12.23
C PHE A 278 -7.10 25.31 13.03
N ASP A 279 -7.21 26.63 13.08
CA ASP A 279 -8.39 27.30 13.63
C ASP A 279 -9.22 27.82 12.47
N TRP A 280 -10.37 28.42 12.75
CA TRP A 280 -11.24 28.88 11.69
C TRP A 280 -10.81 30.19 10.99
N ARG A 281 -9.73 30.79 11.47
CA ARG A 281 -8.99 31.73 10.65
C ARG A 281 -8.09 31.03 9.63
N LEU A 282 -8.05 29.69 9.67
CA LEU A 282 -7.16 28.87 8.87
C LEU A 282 -5.67 29.13 9.16
N THR A 283 -5.39 29.52 10.39
CA THR A 283 -4.03 29.66 10.90
C THR A 283 -3.68 28.28 11.50
N PHE A 284 -2.45 27.84 11.26
CA PHE A 284 -1.95 26.63 11.85
C PHE A 284 -2.03 26.71 13.34
N GLN A 285 -2.46 25.61 13.95
CA GLN A 285 -2.48 25.47 15.42
C GLN A 285 -2.13 24.04 15.81
N TRP A 286 -1.40 23.91 16.91
CA TRP A 286 -1.06 22.61 17.44
C TRP A 286 -2.25 22.13 18.26
N HIS A 287 -2.44 20.81 18.34
CA HIS A 287 -3.38 20.29 19.29
C HIS A 287 -2.85 18.95 19.77
N SER A 288 -3.32 18.53 20.92
CA SER A 288 -2.84 17.32 21.55
C SER A 288 -3.61 16.19 20.89
N VAL A 289 -3.05 15.01 20.95
CA VAL A 289 -3.62 13.87 20.25
C VAL A 289 -4.96 13.54 20.90
N PRO A 290 -6.04 13.44 20.12
CA PRO A 290 -7.34 13.16 20.76
C PRO A 290 -7.50 11.70 21.13
N LYS A 291 -8.39 11.45 22.09
CA LYS A 291 -8.68 10.13 22.57
C LYS A 291 -8.98 9.10 21.46
N GLN A 292 -9.79 9.45 20.47
CA GLN A 292 -10.12 8.53 19.36
C GLN A 292 -8.86 7.98 18.69
N GLU A 293 -7.91 8.88 18.46
CA GLU A 293 -6.69 8.49 17.78
C GLU A 293 -5.83 7.69 18.73
N ARG A 294 -5.75 8.07 20.01
CA ARG A 294 -5.04 7.21 20.99
C ARG A 294 -5.59 5.80 21.04
N ASP A 295 -6.90 5.68 20.99
CA ASP A 295 -7.55 4.37 21.08
CA ASP A 295 -7.55 4.37 21.08
C ASP A 295 -7.47 3.59 19.78
N ARG A 296 -7.45 4.27 18.63
CA ARG A 296 -7.18 3.57 17.37
C ARG A 296 -5.82 2.85 17.32
N ARG A 297 -4.80 3.48 17.88
CA ARG A 297 -3.44 2.97 17.79
C ARG A 297 -3.17 1.86 18.81
N ILE A 298 -2.44 0.82 18.41
CA ILE A 298 -2.12 -0.27 19.33
C ILE A 298 -0.98 0.10 20.26
N SER A 299 0.01 0.84 19.76
CA SER A 299 1.21 1.15 20.53
C SER A 299 1.38 2.64 20.52
N ARG A 300 1.89 3.20 21.62
CA ARG A 300 2.13 4.64 21.69
C ARG A 300 3.27 5.08 20.77
N ILE A 301 4.10 4.16 20.26
CA ILE A 301 5.08 4.54 19.20
C ILE A 301 4.66 4.28 17.74
N ASP A 302 3.40 3.94 17.52
CA ASP A 302 2.84 3.94 16.17
C ASP A 302 2.71 5.38 15.63
N PRO A 303 2.68 5.52 14.30
CA PRO A 303 2.38 6.81 13.69
C PRO A 303 1.09 7.36 14.21
N ILE A 304 1.00 8.68 14.19
CA ILE A 304 -0.15 9.39 14.70
C ILE A 304 -0.73 10.21 13.57
N ARG A 305 -2.00 9.99 13.27
CA ARG A 305 -2.65 10.78 12.23
C ARG A 305 -2.65 12.24 12.56
N SER A 306 -2.33 13.10 11.58
CA SER A 306 -2.28 14.53 11.81
C SER A 306 -3.16 15.24 10.77
N PRO A 307 -4.17 15.99 11.24
CA PRO A 307 -5.09 16.61 10.28
C PRO A 307 -4.42 17.53 9.29
N THR A 308 -3.39 18.21 9.76
CA THR A 308 -2.53 18.98 8.85
C THR A 308 -1.07 18.78 9.14
N MET A 309 -0.30 19.22 8.18
CA MET A 309 1.13 19.10 8.30
C MET A 309 1.58 20.13 9.31
N ALA A 310 2.47 19.74 10.23
CA ALA A 310 3.00 20.59 11.31
C ALA A 310 4.42 21.12 11.13
N GLY A 311 4.89 21.20 9.91
CA GLY A 311 6.25 21.67 9.62
C GLY A 311 6.50 21.33 8.19
N GLY A 312 7.66 21.70 7.67
CA GLY A 312 8.05 21.34 6.33
C GLY A 312 8.82 20.06 6.11
N LEU A 313 9.02 19.21 7.13
CA LEU A 313 9.84 18.01 7.01
C LEU A 313 8.88 16.84 6.78
N PHE A 314 9.04 16.09 5.70
CA PHE A 314 8.18 14.93 5.45
C PHE A 314 8.77 14.00 4.43
N ALA A 315 8.33 12.73 4.47
CA ALA A 315 8.76 11.74 3.52
C ALA A 315 7.47 11.28 2.82
N VAL A 316 7.61 11.03 1.53
CA VAL A 316 6.46 10.55 0.67
C VAL A 316 7.02 9.68 -0.43
N SER A 317 6.31 8.60 -0.76
CA SER A 317 6.58 7.89 -1.96
C SER A 317 6.66 8.82 -3.15
N LYS A 318 7.72 8.72 -3.93
CA LYS A 318 7.92 9.63 -5.08
C LYS A 318 6.74 9.50 -6.06
N LYS A 319 6.40 8.28 -6.39
CA LYS A 319 5.25 8.05 -7.31
C LYS A 319 3.95 8.58 -6.79
N TYR A 320 3.70 8.46 -5.48
CA TYR A 320 2.49 8.95 -4.91
C TYR A 320 2.43 10.45 -4.90
N PHE A 321 3.56 11.09 -4.57
CA PHE A 321 3.62 12.53 -4.67
C PHE A 321 3.32 13.03 -6.10
N GLN A 322 3.91 12.39 -7.09
CA GLN A 322 3.62 12.70 -8.49
C GLN A 322 2.14 12.52 -8.83
N TYR A 323 1.55 11.45 -8.34
CA TYR A 323 0.13 11.13 -8.59
C TYR A 323 -0.79 12.17 -8.02
N LEU A 324 -0.45 12.71 -6.85
CA LEU A 324 -1.28 13.75 -6.20
C LEU A 324 -1.02 15.12 -6.84
N GLY A 325 -0.04 15.19 -7.73
CA GLY A 325 0.30 16.48 -8.36
C GLY A 325 1.33 17.27 -7.57
N THR A 326 2.08 16.62 -6.68
CA THR A 326 3.16 17.27 -5.88
C THR A 326 2.60 18.44 -5.06
N TYR A 327 3.20 19.61 -5.20
CA TYR A 327 2.64 20.79 -4.51
C TYR A 327 1.77 21.55 -5.51
N ASP A 328 0.95 22.45 -5.02
CA ASP A 328 0.10 23.30 -5.88
C ASP A 328 0.92 24.38 -6.60
N THR A 329 1.34 24.06 -7.81
CA THR A 329 2.15 24.96 -8.67
C THR A 329 1.46 26.29 -9.01
N GLY A 330 0.13 26.27 -9.09
CA GLY A 330 -0.62 27.49 -9.40
C GLY A 330 -0.62 28.54 -8.30
N MET A 331 0.13 28.32 -7.23
CA MET A 331 0.11 29.26 -6.09
C MET A 331 0.67 30.70 -6.11
N GLU A 332 1.69 30.93 -6.95
CA GLU A 332 2.36 32.23 -7.18
C GLU A 332 2.98 32.79 -5.90
N VAL A 333 2.17 33.03 -4.87
CA VAL A 333 2.67 33.56 -3.56
C VAL A 333 3.40 32.44 -2.80
N TRP A 334 4.38 32.80 -1.97
CA TRP A 334 5.17 31.82 -1.17
C TRP A 334 4.62 31.76 0.25
N GLY A 335 4.58 30.58 0.85
CA GLY A 335 4.16 30.43 2.24
C GLY A 335 2.84 29.73 2.35
N GLY A 336 2.63 29.02 3.43
CA GLY A 336 1.34 28.37 3.66
C GLY A 336 0.88 27.31 2.69
N GLU A 337 1.74 26.79 1.82
CA GLU A 337 1.35 25.79 0.88
C GLU A 337 0.95 24.45 1.54
N ASN A 338 1.41 24.18 2.75
CA ASN A 338 1.09 22.91 3.40
C ASN A 338 -0.38 22.64 3.77
N LEU A 339 -1.19 23.66 3.94
CA LEU A 339 -2.62 23.44 4.23
C LEU A 339 -3.30 22.80 3.02
N GLU A 340 -3.09 23.40 1.87
CA GLU A 340 -3.57 22.83 0.64
C GLU A 340 -3.09 21.38 0.44
N LEU A 341 -1.80 21.13 0.66
CA LEU A 341 -1.27 19.79 0.52
C LEU A 341 -1.96 18.84 1.49
N SER A 342 -2.16 19.30 2.73
CA SER A 342 -2.77 18.50 3.81
C SER A 342 -4.18 18.04 3.44
N PHE A 343 -5.01 18.99 3.01
CA PHE A 343 -6.39 18.70 2.64
C PHE A 343 -6.45 17.74 1.46
N ARG A 344 -5.57 17.94 0.49
CA ARG A 344 -5.53 17.12 -0.72
C ARG A 344 -5.10 15.69 -0.39
N VAL A 345 -4.06 15.54 0.43
CA VAL A 345 -3.61 14.22 0.82
C VAL A 345 -4.79 13.47 1.45
N TRP A 346 -5.42 14.05 2.46
CA TRP A 346 -6.46 13.32 3.18
C TRP A 346 -7.69 13.08 2.30
N GLN A 347 -8.22 14.16 1.74
CA GLN A 347 -9.40 14.08 0.88
C GLN A 347 -9.23 13.16 -0.30
N CYS A 348 -8.05 13.07 -0.88
CA CYS A 348 -7.82 12.23 -2.05
C CYS A 348 -7.26 10.86 -1.70
N GLY A 349 -7.42 10.52 -0.43
CA GLY A 349 -7.15 9.19 0.17
C GLY A 349 -5.83 8.51 0.61
N GLY A 350 -4.61 9.02 0.81
CA GLY A 350 -4.15 9.95 1.71
C GLY A 350 -4.11 9.63 3.18
N LYS A 351 -2.92 9.50 3.78
CA LYS A 351 -2.78 9.60 5.23
C LYS A 351 -1.64 10.58 5.47
N LEU A 352 -1.78 11.41 6.48
CA LEU A 352 -0.70 12.31 6.94
C LEU A 352 -0.42 11.96 8.40
N GLU A 353 0.80 11.54 8.70
CA GLU A 353 1.16 11.05 10.02
C GLU A 353 2.43 11.66 10.55
N ILE A 354 2.51 11.75 11.88
CA ILE A 354 3.77 12.08 12.58
C ILE A 354 4.28 10.80 13.26
N HIS A 355 5.56 10.52 13.11
CA HIS A 355 6.14 9.31 13.64
C HIS A 355 6.94 9.61 14.92
N PRO A 356 6.49 9.10 16.08
CA PRO A 356 7.20 9.44 17.31
C PRO A 356 8.64 8.92 17.43
N CYS A 357 9.01 7.89 16.68
CA CYS A 357 10.36 7.38 16.65
C CYS A 357 11.30 8.08 15.66
N SER A 358 10.79 9.05 14.91
CA SER A 358 11.61 9.83 13.96
C SER A 358 11.70 11.24 14.46
N HIS A 359 12.91 11.67 14.83
CA HIS A 359 13.12 13.00 15.32
C HIS A 359 14.22 13.70 14.52
N VAL A 360 13.89 14.90 14.12
CA VAL A 360 14.80 15.81 13.45
C VAL A 360 14.68 17.16 14.12
N GLY A 361 15.82 17.71 14.55
CA GLY A 361 15.89 19.05 15.06
C GLY A 361 16.00 20.07 13.96
N HIS A 362 15.38 21.22 14.21
CA HIS A 362 15.37 22.32 13.26
C HIS A 362 15.70 23.63 13.97
N VAL A 363 16.61 24.42 13.39
CA VAL A 363 16.98 25.67 14.01
C VAL A 363 15.94 26.72 13.64
N PHE A 364 14.94 26.90 14.48
CA PHE A 364 13.94 27.93 14.27
C PHE A 364 14.68 29.27 14.47
N PRO A 365 14.66 30.12 13.45
CA PRO A 365 15.38 31.38 13.61
C PRO A 365 14.73 32.37 14.59
N LYS A 366 15.52 33.34 15.06
CA LYS A 366 15.00 34.48 15.85
C LYS A 366 13.92 35.24 15.05
N ARG A 367 12.79 35.54 15.67
CA ARG A 367 11.61 36.06 14.89
C ARG A 367 11.83 37.48 14.35
N ASN A 374 2.92 36.78 6.22
CA ASN A 374 1.57 36.45 5.72
C ASN A 374 1.52 35.92 4.24
N PHE A 375 0.60 34.97 4.00
CA PHE A 375 0.38 34.20 2.73
C PHE A 375 -1.15 33.88 2.60
N LEU A 376 -1.95 34.87 2.97
CA LEU A 376 -3.41 34.72 3.03
C LEU A 376 -4.05 34.29 1.71
N GLN A 377 -3.42 34.67 0.61
CA GLN A 377 -3.85 34.19 -0.70
C GLN A 377 -3.79 32.66 -0.86
N ASN A 378 -2.72 32.06 -0.34
CA ASN A 378 -2.57 30.62 -0.45
C ASN A 378 -3.49 29.92 0.53
N THR A 379 -3.76 30.53 1.68
CA THR A 379 -4.79 30.04 2.60
C THR A 379 -6.21 30.07 1.99
N ALA A 380 -6.54 31.16 1.30
CA ALA A 380 -7.80 31.28 0.57
C ALA A 380 -7.86 30.29 -0.56
N ARG A 381 -6.71 30.03 -1.20
CA ARG A 381 -6.71 29.07 -2.31
C ARG A 381 -7.04 27.69 -1.80
N ALA A 382 -6.51 27.35 -0.63
CA ALA A 382 -6.79 26.04 -0.02
C ALA A 382 -8.28 25.91 0.30
N ALA A 383 -8.85 26.98 0.88
CA ALA A 383 -10.27 27.01 1.15
C ALA A 383 -11.16 26.87 -0.04
N GLU A 384 -10.77 27.51 -1.12
CA GLU A 384 -11.62 27.57 -2.29
C GLU A 384 -11.64 26.25 -3.03
N VAL A 385 -10.48 25.57 -3.07
CA VAL A 385 -10.37 24.28 -3.76
C VAL A 385 -10.99 23.13 -2.97
N TRP A 386 -10.80 23.13 -1.66
CA TRP A 386 -11.02 21.91 -0.87
C TRP A 386 -12.17 21.99 0.11
N MET A 387 -12.54 23.18 0.61
CA MET A 387 -13.38 23.25 1.79
C MET A 387 -14.89 23.26 1.53
N ASP A 388 -15.29 23.29 0.25
CA ASP A 388 -16.72 23.30 -0.12
C ASP A 388 -17.48 24.44 0.63
N GLU A 389 -18.65 24.14 1.19
CA GLU A 389 -19.47 25.12 1.89
C GLU A 389 -18.83 25.63 3.17
N TYR A 390 -17.89 24.88 3.74
CA TYR A 390 -17.29 25.26 5.03
C TYR A 390 -16.35 26.44 4.95
N LYS A 391 -15.95 26.85 3.76
CA LYS A 391 -15.14 28.08 3.63
C LYS A 391 -15.80 29.36 4.18
N GLU A 392 -17.14 29.41 4.21
CA GLU A 392 -17.82 30.59 4.76
C GLU A 392 -17.51 30.82 6.22
N HIS A 393 -17.34 29.73 6.98
CA HIS A 393 -17.01 29.87 8.39
C HIS A 393 -15.64 30.52 8.56
N PHE A 394 -14.76 30.27 7.59
CA PHE A 394 -13.45 30.90 7.46
C PHE A 394 -13.56 32.39 7.10
N TYR A 395 -14.26 32.69 6.02
CA TYR A 395 -14.40 34.08 5.58
C TYR A 395 -15.08 34.93 6.66
N ASN A 396 -16.15 34.43 7.27
CA ASN A 396 -16.82 35.13 8.37
C ASN A 396 -15.85 35.57 9.45
N ARG A 397 -14.86 34.73 9.76
CA ARG A 397 -13.90 34.99 10.83
C ARG A 397 -12.55 35.53 10.38
N ASN A 398 -12.31 35.61 9.08
CA ASN A 398 -11.14 36.29 8.56
C ASN A 398 -11.60 37.07 7.31
N PRO A 399 -12.39 38.15 7.52
CA PRO A 399 -12.97 38.87 6.37
C PRO A 399 -11.97 39.40 5.34
N PRO A 400 -10.77 39.86 5.76
CA PRO A 400 -9.75 40.25 4.75
C PRO A 400 -9.45 39.19 3.71
N ALA A 401 -9.58 37.92 4.08
CA ALA A 401 -9.40 36.82 3.14
C ALA A 401 -10.31 36.89 1.92
N ARG A 402 -11.52 37.44 2.08
CA ARG A 402 -12.47 37.64 0.97
C ARG A 402 -11.89 38.47 -0.18
N LYS A 403 -10.99 39.36 0.16
CA LYS A 403 -10.37 40.25 -0.82
C LYS A 403 -9.20 39.64 -1.63
N GLU A 404 -8.68 38.50 -1.19
CA GLU A 404 -7.39 38.02 -1.71
C GLU A 404 -7.55 37.40 -3.11
N ALA A 405 -6.56 37.64 -3.95
CA ALA A 405 -6.49 37.02 -5.26
C ALA A 405 -5.87 35.62 -5.16
N TYR A 406 -6.72 34.64 -4.86
CA TYR A 406 -6.27 33.22 -4.73
C TYR A 406 -5.92 32.53 -6.04
N GLY A 407 -6.42 33.06 -7.15
CA GLY A 407 -5.94 32.72 -8.48
C GLY A 407 -6.89 31.81 -9.23
N ASP A 408 -6.46 31.38 -10.42
CA ASP A 408 -7.25 30.49 -11.27
C ASP A 408 -7.13 29.10 -10.69
N ILE A 409 -8.27 28.54 -10.29
CA ILE A 409 -8.29 27.26 -9.63
C ILE A 409 -8.94 26.17 -10.51
N SER A 410 -9.20 26.48 -11.79
CA SER A 410 -9.86 25.53 -12.69
CA SER A 410 -9.88 25.53 -12.68
C SER A 410 -9.15 24.19 -12.75
N GLU A 411 -7.84 24.22 -12.97
CA GLU A 411 -7.05 22.98 -13.06
C GLU A 411 -7.01 22.23 -11.72
N ARG A 412 -7.07 22.94 -10.59
CA ARG A 412 -7.16 22.26 -9.29
C ARG A 412 -8.51 21.58 -9.10
N LYS A 413 -9.57 22.21 -9.55
CA LYS A 413 -10.90 21.59 -9.51
C LYS A 413 -10.95 20.34 -10.38
N LEU A 414 -10.27 20.36 -11.52
CA LEU A 414 -10.18 19.21 -12.42
C LEU A 414 -9.38 18.10 -11.77
N LEU A 415 -8.23 18.43 -11.16
CA LEU A 415 -7.42 17.46 -10.40
C LEU A 415 -8.26 16.78 -9.33
N ARG A 416 -8.99 17.59 -8.57
CA ARG A 416 -9.81 17.06 -7.50
C ARG A 416 -10.83 16.01 -8.01
N GLU A 417 -11.38 16.21 -9.23
CA GLU A 417 -12.31 15.26 -9.85
C GLU A 417 -11.59 14.06 -10.40
N ARG A 418 -10.49 14.24 -11.12
CA ARG A 418 -9.70 13.09 -11.62
C ARG A 418 -9.37 12.11 -10.48
N LEU A 419 -8.90 12.64 -9.35
CA LEU A 419 -8.50 11.84 -8.18
C LEU A 419 -9.65 11.29 -7.34
N ARG A 420 -10.87 11.74 -7.63
CA ARG A 420 -12.05 11.27 -6.95
C ARG A 420 -11.94 11.52 -5.47
N CYS A 421 -11.54 12.73 -5.12
CA CYS A 421 -11.34 13.09 -3.74
C CYS A 421 -12.67 13.21 -3.07
N LYS A 422 -12.68 13.00 -1.76
CA LYS A 422 -13.86 13.11 -0.96
C LYS A 422 -14.08 14.54 -0.49
N SER A 423 -15.22 14.75 0.14
CA SER A 423 -15.71 16.07 0.49
C SER A 423 -15.06 16.58 1.75
N PHE A 424 -15.16 17.89 1.98
CA PHE A 424 -14.64 18.46 3.20
C PHE A 424 -15.47 18.01 4.41
N ASP A 425 -16.73 17.69 4.18
CA ASP A 425 -17.59 17.12 5.21
C ASP A 425 -17.01 15.78 5.69
N TRP A 426 -16.67 14.92 4.74
CA TRP A 426 -15.96 13.70 5.04
C TRP A 426 -14.68 13.98 5.88
N TYR A 427 -13.88 14.95 5.44
CA TYR A 427 -12.63 15.30 6.13
C TYR A 427 -12.89 15.66 7.58
N LEU A 428 -13.85 16.53 7.84
CA LEU A 428 -14.13 16.93 9.21
C LEU A 428 -14.62 15.78 10.07
N LYS A 429 -15.51 14.98 9.53
CA LYS A 429 -16.03 13.81 10.25
C LYS A 429 -14.96 12.71 10.50
N ASN A 430 -14.09 12.46 9.54
CA ASN A 430 -13.20 11.31 9.60
C ASN A 430 -11.75 11.60 9.98
N VAL A 431 -11.27 12.80 9.66
CA VAL A 431 -9.88 13.20 9.96
C VAL A 431 -9.79 14.13 11.13
N PHE A 432 -10.68 15.12 11.21
CA PHE A 432 -10.61 16.12 12.26
C PHE A 432 -11.92 16.28 13.04
N PRO A 433 -12.46 15.18 13.61
CA PRO A 433 -13.77 15.27 14.29
C PRO A 433 -13.74 16.01 15.61
N ASN A 434 -12.55 16.26 16.15
CA ASN A 434 -12.39 17.00 17.39
C ASN A 434 -12.51 18.51 17.16
N LEU A 435 -12.54 18.96 15.92
CA LEU A 435 -12.69 20.38 15.65
C LEU A 435 -14.17 20.72 15.70
N HIS A 436 -14.55 21.61 16.62
CA HIS A 436 -15.89 22.23 16.62
C HIS A 436 -16.11 23.03 15.36
N VAL A 437 -17.19 22.72 14.66
CA VAL A 437 -17.58 23.42 13.43
C VAL A 437 -18.72 24.42 13.75
N PRO A 438 -18.51 25.72 13.50
CA PRO A 438 -19.61 26.64 13.79
C PRO A 438 -20.82 26.42 12.90
N GLU A 439 -21.98 26.78 13.40
CA GLU A 439 -23.20 26.79 12.56
C GLU A 439 -23.31 28.02 11.66
N ASP A 440 -23.07 29.19 12.22
CA ASP A 440 -23.29 30.47 11.50
C ASP A 440 -24.65 30.51 10.81
N ARG A 441 -25.70 30.25 11.58
CA ARG A 441 -27.07 30.24 11.04
C ARG A 441 -27.44 31.66 10.53
N PRO A 442 -28.09 31.75 9.35
CA PRO A 442 -28.48 33.08 8.81
C PRO A 442 -29.24 33.95 9.84
N GLY A 443 -28.75 35.17 10.05
CA GLY A 443 -29.32 36.08 11.03
C GLY A 443 -28.93 35.86 12.47
N TRP A 444 -28.03 34.90 12.73
CA TRP A 444 -27.59 34.63 14.11
C TRP A 444 -26.05 34.66 14.28
N HIS A 445 -25.39 35.43 13.43
CA HIS A 445 -23.93 35.66 13.53
C HIS A 445 -23.52 37.00 12.87
N GLY A 446 -22.50 37.62 13.44
CA GLY A 446 -21.95 38.87 12.93
C GLY A 446 -21.66 39.78 14.10
N ALA A 447 -21.85 41.10 13.90
CA ALA A 447 -21.84 42.08 15.01
C ALA A 447 -23.23 42.19 15.65
N ILE A 448 -23.25 42.52 16.94
CA ILE A 448 -24.52 42.79 17.62
C ILE A 448 -24.60 44.27 18.02
N ARG A 449 -25.57 44.98 17.42
CA ARG A 449 -25.74 46.44 17.59
C ARG A 449 -26.79 46.79 18.63
N SER A 450 -26.48 47.78 19.49
CA SER A 450 -27.44 48.31 20.46
C SER A 450 -28.53 49.13 19.76
N ARG A 451 -29.73 49.15 20.34
CA ARG A 451 -30.78 50.11 19.96
C ARG A 451 -30.60 51.40 20.75
N GLY A 452 -30.38 51.28 22.06
CA GLY A 452 -30.17 52.42 22.95
C GLY A 452 -29.05 53.37 22.56
N ILE A 453 -27.87 52.82 22.30
CA ILE A 453 -26.70 53.59 21.85
C ILE A 453 -26.31 53.07 20.46
N SER A 454 -27.12 53.44 19.46
CA SER A 454 -27.14 52.75 18.15
C SER A 454 -25.94 52.99 17.22
N SER A 455 -24.91 53.68 17.70
CA SER A 455 -23.60 53.67 17.05
C SER A 455 -22.69 52.53 17.54
N GLU A 456 -23.06 51.88 18.66
CA GLU A 456 -22.17 50.97 19.40
C GLU A 456 -22.53 49.47 19.26
N CYS A 457 -21.52 48.66 18.92
CA CYS A 457 -21.66 47.20 18.80
C CYS A 457 -21.00 46.47 19.97
N LEU A 458 -21.55 45.29 20.32
CA LEU A 458 -20.89 44.41 21.28
C LEU A 458 -19.46 44.12 20.83
N ASP A 459 -18.55 44.23 21.79
CA ASP A 459 -17.12 44.24 21.52
C ASP A 459 -16.45 43.58 22.73
N TYR A 460 -15.63 42.57 22.48
CA TYR A 460 -14.86 41.88 23.51
C TYR A 460 -13.41 41.97 23.10
N ASN A 461 -12.58 42.51 23.98
CA ASN A 461 -11.21 42.91 23.63
C ASN A 461 -10.28 42.54 24.77
N SER A 462 -9.61 41.38 24.62
CA SER A 462 -8.70 40.87 25.67
C SER A 462 -7.24 41.20 25.35
N PRO A 463 -6.29 40.86 26.25
CA PRO A 463 -4.89 41.23 26.09
C PRO A 463 -4.02 40.22 25.34
N ASP A 464 -4.61 39.10 24.91
CA ASP A 464 -3.93 38.05 24.09
C ASP A 464 -2.95 37.15 24.87
N ASN A 465 -2.61 37.46 26.11
CA ASN A 465 -1.73 36.58 26.92
C ASN A 465 -2.61 35.69 27.82
N ASN A 466 -3.94 35.85 27.68
CA ASN A 466 -5.06 35.12 28.31
C ASN A 466 -6.35 35.67 27.68
N PRO A 467 -6.91 34.98 26.66
CA PRO A 467 -8.10 35.46 25.96
C PRO A 467 -9.36 35.70 26.80
N THR A 468 -9.43 35.12 27.99
CA THR A 468 -10.61 35.33 28.87
C THR A 468 -10.21 36.26 30.01
N GLY A 469 -9.58 37.38 29.68
CA GLY A 469 -9.10 38.37 30.67
C GLY A 469 -10.00 39.58 30.79
N ALA A 470 -10.63 39.99 29.69
CA ALA A 470 -11.55 41.14 29.63
C ALA A 470 -13.00 40.84 30.05
N ASN A 471 -13.79 41.90 30.15
CA ASN A 471 -15.26 41.84 30.27
C ASN A 471 -15.85 42.33 28.97
N LEU A 472 -17.06 41.87 28.68
CA LEU A 472 -17.76 42.29 27.46
C LEU A 472 -18.08 43.77 27.58
N SER A 473 -18.11 44.46 26.44
CA SER A 473 -18.29 45.91 26.42
C SER A 473 -18.97 46.40 25.14
N LEU A 474 -18.89 47.71 24.88
CA LEU A 474 -19.32 48.31 23.63
C LEU A 474 -18.17 49.06 22.98
N PHE A 475 -18.26 49.23 21.67
CA PHE A 475 -17.26 49.98 20.87
C PHE A 475 -17.97 50.32 19.56
N GLY A 476 -17.46 51.32 18.85
CA GLY A 476 -18.06 51.78 17.60
C GLY A 476 -18.09 50.71 16.52
N CYS A 477 -19.29 50.31 16.12
CA CYS A 477 -19.49 49.33 15.04
C CYS A 477 -18.61 49.62 13.83
N HIS A 478 -17.75 48.65 13.46
CA HIS A 478 -16.86 48.78 12.29
C HIS A 478 -17.18 47.85 11.10
N GLY A 479 -18.01 46.81 11.27
CA GLY A 479 -18.30 45.85 10.18
C GLY A 479 -17.10 45.01 9.69
N GLN A 480 -16.06 44.93 10.54
CA GLN A 480 -14.78 44.28 10.25
C GLN A 480 -14.60 42.94 11.00
N GLY A 481 -15.64 42.48 11.72
CA GLY A 481 -15.59 41.23 12.48
C GLY A 481 -14.71 41.33 13.70
N GLY A 482 -13.76 40.39 13.82
CA GLY A 482 -12.75 40.40 14.89
C GLY A 482 -13.41 40.42 16.26
N ASN A 483 -13.05 41.44 17.05
CA ASN A 483 -13.66 41.66 18.37
C ASN A 483 -15.18 41.98 18.43
N GLN A 484 -15.79 42.22 17.28
CA GLN A 484 -17.25 42.36 17.17
C GLN A 484 -17.95 41.20 16.46
N PHE A 485 -17.25 40.08 16.21
CA PHE A 485 -17.92 38.87 15.68
C PHE A 485 -18.48 37.95 16.78
N PHE A 486 -19.75 37.60 16.64
CA PHE A 486 -20.44 36.72 17.57
C PHE A 486 -21.33 35.74 16.84
N GLU A 487 -21.59 34.62 17.50
CA GLU A 487 -22.41 33.56 16.96
C GLU A 487 -23.39 33.11 18.05
N TYR A 488 -24.68 33.08 17.71
CA TYR A 488 -25.70 32.57 18.61
C TYR A 488 -26.01 31.19 18.14
N THR A 489 -25.97 30.27 19.08
CA THR A 489 -25.86 28.88 18.76
C THR A 489 -27.21 28.19 19.05
N SER A 490 -27.55 27.16 18.28
CA SER A 490 -28.70 26.28 18.54
C SER A 490 -28.80 25.79 19.99
N ASN A 491 -27.65 25.62 20.66
CA ASN A 491 -27.60 25.37 22.10
C ASN A 491 -27.58 26.63 22.95
N LYS A 492 -27.97 27.77 22.37
CA LYS A 492 -28.23 29.00 23.13
C LYS A 492 -26.98 29.58 23.76
N GLU A 493 -25.87 29.44 23.04
CA GLU A 493 -24.62 30.01 23.50
C GLU A 493 -24.35 31.24 22.66
N ILE A 494 -23.74 32.23 23.32
CA ILE A 494 -23.22 33.40 22.61
C ILE A 494 -21.70 33.20 22.53
N ARG A 495 -21.26 32.87 21.32
CA ARG A 495 -19.88 32.48 21.07
C ARG A 495 -19.10 33.60 20.45
N PHE A 496 -17.97 33.90 21.09
CA PHE A 496 -16.99 34.82 20.56
C PHE A 496 -15.87 33.96 19.93
N ASN A 497 -16.08 33.50 18.69
CA ASN A 497 -15.28 32.39 18.14
C ASN A 497 -14.58 32.66 16.82
N SER A 498 -14.04 33.87 16.70
CA SER A 498 -13.20 34.24 15.58
C SER A 498 -11.85 33.54 15.66
N VAL A 499 -11.36 33.36 16.90
CA VAL A 499 -10.06 32.82 17.15
C VAL A 499 -10.17 31.44 17.79
N THR A 500 -10.77 31.37 18.97
CA THR A 500 -11.05 30.11 19.67
C THR A 500 -12.50 30.08 20.11
N GLU A 501 -12.97 28.93 20.57
CA GLU A 501 -14.37 28.77 20.97
C GLU A 501 -14.59 29.28 22.39
N LEU A 502 -14.90 30.57 22.48
CA LEU A 502 -15.19 31.23 23.75
C LEU A 502 -16.67 31.51 23.82
N CYS A 503 -17.22 31.36 25.01
CA CYS A 503 -18.66 31.40 25.26
C CYS A 503 -18.93 32.46 26.30
N ALA A 504 -19.93 33.30 26.04
CA ALA A 504 -20.30 34.39 26.98
C ALA A 504 -20.91 33.85 28.28
N GLU A 505 -20.36 34.25 29.41
CA GLU A 505 -20.91 33.85 30.71
C GLU A 505 -21.20 35.02 31.62
N VAL A 506 -22.21 34.84 32.46
CA VAL A 506 -22.39 35.70 33.62
C VAL A 506 -21.93 34.88 34.83
N PRO A 507 -20.79 35.20 35.45
CA PRO A 507 -20.29 34.47 36.61
C PRO A 507 -21.35 34.39 37.72
N GLU A 508 -21.16 33.51 38.71
CA GLU A 508 -22.18 33.36 39.77
C GLU A 508 -22.24 34.61 40.67
N GLN A 509 -23.40 35.27 40.64
CA GLN A 509 -23.79 36.45 41.45
C GLN A 509 -23.17 37.77 40.96
N LYS A 510 -22.35 37.75 39.91
CA LYS A 510 -21.79 39.03 39.39
C LYS A 510 -22.76 39.62 38.37
N ASN A 511 -22.49 40.82 37.87
CA ASN A 511 -23.47 41.45 36.94
C ASN A 511 -22.81 41.78 35.59
N TYR A 512 -21.51 41.54 35.49
CA TYR A 512 -20.74 41.76 34.24
C TYR A 512 -20.72 40.46 33.43
N VAL A 513 -20.34 40.57 32.15
CA VAL A 513 -20.33 39.43 31.22
C VAL A 513 -18.89 39.09 30.81
N GLY A 514 -18.48 37.85 31.12
CA GLY A 514 -17.15 37.35 30.79
C GLY A 514 -17.18 36.33 29.66
N MET A 515 -16.02 35.70 29.44
CA MET A 515 -15.89 34.58 28.50
C MET A 515 -15.25 33.38 29.21
N GLN A 516 -15.72 32.19 28.88
CA GLN A 516 -15.01 30.97 29.22
C GLN A 516 -14.96 30.06 28.01
N ASN A 517 -14.08 29.06 28.10
CA ASN A 517 -13.97 28.07 27.06
C ASN A 517 -15.30 27.38 26.91
N CYS A 518 -15.80 27.34 25.68
CA CYS A 518 -17.07 26.69 25.40
C CYS A 518 -16.97 25.23 25.80
N PRO A 519 -18.11 24.59 26.05
CA PRO A 519 -17.98 23.15 26.26
C PRO A 519 -17.58 22.45 24.95
N LYS A 520 -16.92 21.29 25.08
CA LYS A 520 -16.56 20.45 23.94
C LYS A 520 -17.84 19.87 23.37
N ASP A 521 -17.83 19.53 22.09
CA ASP A 521 -19.02 18.98 21.45
C ASP A 521 -19.54 17.78 22.23
N GLY A 522 -20.86 17.76 22.50
CA GLY A 522 -21.52 16.67 23.23
C GLY A 522 -21.54 16.79 24.76
N PHE A 523 -20.76 17.71 25.31
CA PHE A 523 -20.61 17.84 26.75
C PHE A 523 -21.67 18.84 27.30
N PRO A 524 -21.88 18.83 28.63
CA PRO A 524 -22.95 19.65 29.19
C PRO A 524 -22.73 21.15 28.95
N VAL A 525 -23.81 21.86 28.62
CA VAL A 525 -23.77 23.31 28.45
C VAL A 525 -24.04 23.95 29.81
N PRO A 526 -23.02 24.59 30.42
CA PRO A 526 -23.28 25.10 31.77
C PRO A 526 -24.41 26.14 31.79
N ALA A 527 -25.16 26.20 32.90
CA ALA A 527 -26.34 27.05 33.04
C ALA A 527 -26.01 28.50 32.74
N ASN A 528 -24.94 28.98 33.38
CA ASN A 528 -24.46 30.36 33.24
C ASN A 528 -23.85 30.80 31.90
N ILE A 529 -23.96 30.00 30.84
CA ILE A 529 -23.61 30.43 29.45
C ILE A 529 -24.79 30.28 28.49
N ILE A 530 -25.99 30.06 29.03
CA ILE A 530 -27.22 29.93 28.24
C ILE A 530 -27.82 31.34 28.05
N TRP A 531 -28.26 31.65 26.83
CA TRP A 531 -28.81 32.96 26.49
C TRP A 531 -30.06 32.79 25.68
N HIS A 532 -31.10 33.55 26.04
CA HIS A 532 -32.34 33.62 25.30
C HIS A 532 -32.33 34.94 24.55
N PHE A 533 -32.49 34.86 23.23
CA PHE A 533 -32.34 35.98 22.32
C PHE A 533 -33.72 36.21 21.72
N LYS A 534 -34.61 36.86 22.49
CA LYS A 534 -36.03 36.99 22.08
C LYS A 534 -36.19 37.86 20.82
N GLU A 535 -37.36 37.75 20.19
CA GLU A 535 -37.74 38.53 19.00
C GLU A 535 -38.30 39.89 19.47
N ASP A 536 -37.39 40.74 19.96
CA ASP A 536 -37.68 42.10 20.50
C ASP A 536 -36.35 42.75 20.88
N GLY A 537 -35.23 42.04 20.66
CA GLY A 537 -33.89 42.57 20.95
C GLY A 537 -33.49 42.31 22.37
N THR A 538 -34.31 41.57 23.10
CA THR A 538 -33.98 41.27 24.51
C THR A 538 -33.02 40.07 24.56
N ILE A 539 -31.89 40.27 25.22
CA ILE A 539 -30.97 39.18 25.45
C ILE A 539 -31.04 38.79 26.94
N PHE A 540 -31.80 37.72 27.19
CA PHE A 540 -32.17 37.25 28.53
C PHE A 540 -31.20 36.14 28.99
N HIS A 541 -30.80 36.18 30.27
CA HIS A 541 -29.91 35.19 30.87
C HIS A 541 -30.55 34.43 32.05
N PRO A 542 -31.25 33.31 31.77
CA PRO A 542 -31.97 32.54 32.79
C PRO A 542 -31.27 32.27 34.12
N HIS A 543 -30.00 31.90 34.12
CA HIS A 543 -29.36 31.53 35.39
C HIS A 543 -29.34 32.68 36.42
N SER A 544 -28.92 33.87 35.97
CA SER A 544 -28.94 35.07 36.82
C SER A 544 -30.34 35.68 36.87
N GLY A 545 -31.11 35.54 35.78
CA GLY A 545 -32.46 36.11 35.65
C GLY A 545 -32.48 37.52 35.06
N LEU A 546 -31.31 38.15 34.96
CA LEU A 546 -31.17 39.52 34.48
C LEU A 546 -31.12 39.57 32.95
N CYS A 547 -31.21 40.79 32.39
CA CYS A 547 -31.06 41.02 30.93
C CYS A 547 -29.84 41.89 30.60
N LEU A 548 -29.41 41.81 29.35
CA LEU A 548 -28.21 42.51 28.88
C LEU A 548 -28.57 43.94 28.49
N SER A 549 -28.00 44.93 29.20
CA SER A 549 -28.36 46.34 29.02
C SER A 549 -27.17 47.23 28.68
N ALA A 550 -27.31 48.00 27.59
CA ALA A 550 -26.38 49.10 27.28
C ALA A 550 -26.52 50.24 28.30
N TYR A 551 -25.40 50.86 28.67
CA TYR A 551 -25.39 51.98 29.62
C TYR A 551 -24.14 52.86 29.43
N ARG A 552 -24.02 53.94 30.22
CA ARG A 552 -22.82 54.80 30.25
C ARG A 552 -22.21 54.84 31.65
N THR A 553 -20.88 54.72 31.73
CA THR A 553 -20.15 54.77 33.00
C THR A 553 -20.08 56.21 33.52
N PRO A 554 -19.52 56.41 34.75
CA PRO A 554 -19.15 57.75 35.23
C PRO A 554 -18.66 58.70 34.12
N GLU A 555 -17.69 58.26 33.32
CA GLU A 555 -17.02 59.13 32.34
C GLU A 555 -17.76 59.26 30.98
N GLY A 556 -18.91 58.60 30.80
CA GLY A 556 -19.65 58.65 29.52
C GLY A 556 -19.21 57.64 28.48
N ARG A 557 -18.45 56.62 28.88
CA ARG A 557 -17.97 55.59 27.97
C ARG A 557 -19.11 54.56 27.81
N PRO A 558 -19.47 54.22 26.55
CA PRO A 558 -20.51 53.18 26.36
C PRO A 558 -20.00 51.80 26.84
N ASP A 559 -20.91 51.01 27.41
CA ASP A 559 -20.55 49.75 28.07
C ASP A 559 -21.83 48.95 28.30
N VAL A 560 -21.68 47.70 28.73
CA VAL A 560 -22.82 46.84 29.02
C VAL A 560 -22.77 46.23 30.43
N GLN A 561 -23.96 45.82 30.87
CA GLN A 561 -24.15 45.27 32.19
C GLN A 561 -25.43 44.46 32.23
N MET A 562 -25.49 43.55 33.21
CA MET A 562 -26.69 42.76 33.47
C MET A 562 -27.55 43.53 34.48
N ARG A 563 -28.76 43.91 34.04
CA ARG A 563 -29.71 44.71 34.83
C ARG A 563 -31.05 43.98 34.85
N THR A 564 -31.88 44.27 35.86
CA THR A 564 -33.23 43.69 35.95
C THR A 564 -34.01 43.95 34.64
N CYS A 565 -34.64 42.90 34.10
CA CYS A 565 -35.20 42.96 32.72
C CYS A 565 -36.29 44.02 32.59
N ASP A 566 -36.19 44.73 31.47
CA ASP A 566 -37.02 45.92 31.17
C ASP A 566 -37.23 45.96 29.65
N ALA A 567 -38.32 45.39 29.17
CA ALA A 567 -38.56 45.33 27.71
C ALA A 567 -38.66 46.73 27.11
N LEU A 568 -38.66 47.76 27.96
CA LEU A 568 -38.80 49.17 27.50
C LEU A 568 -37.42 49.75 27.25
N ASP A 569 -36.67 49.90 28.34
CA ASP A 569 -35.29 50.45 28.38
C ASP A 569 -34.56 49.94 27.14
N LYS A 570 -34.48 50.80 26.12
CA LYS A 570 -33.89 50.48 24.79
C LYS A 570 -32.46 49.94 24.86
N ASN A 571 -31.65 50.33 25.85
CA ASN A 571 -30.30 49.78 26.04
C ASN A 571 -30.39 48.24 26.19
N GLN A 572 -31.59 47.70 26.38
CA GLN A 572 -31.69 46.23 26.44
C GLN A 572 -32.15 45.52 25.15
N ILE A 573 -32.42 46.28 24.09
CA ILE A 573 -32.83 45.73 22.79
C ILE A 573 -31.59 45.73 21.89
N TRP A 574 -31.46 44.65 21.09
CA TRP A 574 -30.23 44.37 20.31
C TRP A 574 -30.53 43.74 18.96
N SER A 575 -29.54 43.80 18.05
CA SER A 575 -29.75 43.38 16.66
C SER A 575 -28.48 42.82 15.96
N PHE A 576 -28.63 41.66 15.32
CA PHE A 576 -27.54 41.01 14.54
C PHE A 576 -27.41 41.63 13.16
N GLU A 577 -26.17 41.64 12.64
CA GLU A 577 -25.82 42.40 11.43
C GLU A 577 -24.76 41.75 10.51
N LYS A 578 -25.03 41.72 9.21
CA LYS A 578 -24.12 41.16 8.19
C LYS A 578 -24.10 42.04 6.94
N ASP B 58 -26.30 7.07 -11.48
CA ASP B 58 -25.02 6.31 -11.19
C ASP B 58 -25.03 4.89 -11.82
N LEU B 59 -24.44 4.79 -12.99
CA LEU B 59 -24.44 3.56 -13.73
C LEU B 59 -23.50 2.49 -13.15
N SER B 60 -22.71 2.85 -12.13
CA SER B 60 -21.93 1.87 -11.38
C SER B 60 -22.79 1.01 -10.44
N ARG B 61 -24.06 1.37 -10.18
CA ARG B 61 -24.79 0.72 -9.08
C ARG B 61 -25.03 -0.76 -9.39
N PRO B 62 -24.90 -1.60 -8.35
CA PRO B 62 -25.10 -3.03 -8.59
C PRO B 62 -26.58 -3.35 -8.48
N LEU B 63 -26.97 -4.53 -8.90
CA LEU B 63 -28.37 -4.96 -8.72
C LEU B 63 -28.84 -4.97 -7.27
N TYR B 64 -27.97 -5.43 -6.36
CA TYR B 64 -28.27 -5.47 -4.91
C TYR B 64 -27.11 -4.81 -4.17
N LYS B 65 -27.41 -4.11 -3.07
CA LYS B 65 -26.38 -3.36 -2.33
C LYS B 65 -26.01 -4.19 -1.12
N LYS B 66 -24.73 -4.23 -0.75
CA LYS B 66 -24.35 -4.81 0.54
C LYS B 66 -25.01 -4.02 1.64
N PRO B 67 -25.48 -4.69 2.70
CA PRO B 67 -25.82 -3.93 3.92
C PRO B 67 -24.60 -3.16 4.45
N PRO B 68 -24.82 -2.18 5.33
CA PRO B 68 -23.66 -1.44 5.87
C PRO B 68 -22.67 -2.35 6.55
N ALA B 69 -21.39 -2.05 6.45
CA ALA B 69 -20.38 -2.84 7.11
C ALA B 69 -20.58 -2.75 8.63
N ASP B 70 -20.33 -3.87 9.29
CA ASP B 70 -20.45 -4.00 10.72
C ASP B 70 -19.13 -4.55 11.24
N SER B 71 -18.35 -3.67 11.86
CA SER B 71 -17.04 -4.01 12.38
C SER B 71 -17.03 -5.04 13.49
N ARG B 72 -18.15 -5.26 14.17
CA ARG B 72 -18.18 -6.37 15.14
C ARG B 72 -18.56 -7.70 14.52
N ALA B 73 -19.11 -7.76 13.28
CA ALA B 73 -19.45 -9.06 12.67
C ALA B 73 -18.22 -9.87 12.35
N LEU B 74 -18.31 -11.15 12.55
CA LEU B 74 -17.21 -12.05 12.33
C LEU B 74 -16.72 -11.98 10.86
N GLY B 75 -15.41 -11.81 10.69
CA GLY B 75 -14.76 -11.75 9.38
C GLY B 75 -15.04 -10.51 8.55
N GLU B 76 -15.60 -9.47 9.15
CA GLU B 76 -15.85 -8.25 8.42
C GLU B 76 -14.56 -7.72 7.82
N TRP B 77 -14.70 -7.16 6.63
CA TRP B 77 -13.60 -6.63 5.80
C TRP B 77 -12.62 -7.65 5.27
N GLY B 78 -12.86 -8.94 5.52
CA GLY B 78 -11.89 -9.98 5.19
C GLY B 78 -10.77 -10.19 6.19
N LYS B 79 -10.90 -9.61 7.38
CA LYS B 79 -9.97 -9.93 8.46
C LYS B 79 -10.16 -11.37 8.87
N ALA B 80 -9.09 -11.98 9.38
CA ALA B 80 -9.15 -13.31 9.98
C ALA B 80 -10.23 -13.46 11.03
N SER B 81 -10.73 -14.68 11.10
CA SER B 81 -11.77 -15.06 12.05
C SER B 81 -11.28 -16.26 12.85
N LYS B 82 -11.68 -16.29 14.12
CA LYS B 82 -11.51 -17.48 14.91
C LYS B 82 -12.55 -17.53 16.02
N LEU B 83 -12.99 -18.74 16.28
CA LEU B 83 -14.10 -18.97 17.18
C LEU B 83 -13.63 -19.59 18.51
N GLN B 84 -14.32 -19.22 19.60
CA GLN B 84 -14.20 -19.94 20.87
C GLN B 84 -15.28 -21.04 20.95
N LEU B 85 -14.84 -22.28 20.76
CA LEU B 85 -15.76 -23.42 20.65
C LEU B 85 -15.58 -24.43 21.80
N ASN B 86 -16.68 -25.03 22.28
CA ASN B 86 -16.63 -26.20 23.19
C ASN B 86 -16.23 -27.45 22.41
N GLU B 87 -16.07 -28.57 23.10
CA GLU B 87 -15.54 -29.77 22.43
C GLU B 87 -16.47 -30.37 21.39
N ASP B 88 -17.79 -30.23 21.62
CA ASP B 88 -18.82 -30.71 20.66
C ASP B 88 -18.66 -29.94 19.32
N GLU B 89 -18.57 -28.62 19.46
CA GLU B 89 -18.44 -27.71 18.33
C GLU B 89 -17.10 -27.91 17.60
N LEU B 90 -16.01 -28.06 18.37
CA LEU B 90 -14.71 -28.41 17.79
C LEU B 90 -14.80 -29.62 16.87
N LYS B 91 -15.57 -30.62 17.29
CA LYS B 91 -15.79 -31.84 16.48
C LYS B 91 -16.51 -31.56 15.17
N GLN B 92 -17.57 -30.75 15.26
CA GLN B 92 -18.31 -30.28 14.08
C GLN B 92 -17.37 -29.58 13.09
N GLN B 93 -16.59 -28.64 13.61
CA GLN B 93 -15.64 -27.90 12.80
C GLN B 93 -14.74 -28.89 12.07
N GLU B 94 -14.19 -29.84 12.82
CA GLU B 94 -13.28 -30.82 12.30
C GLU B 94 -13.91 -31.68 11.19
N GLU B 95 -15.13 -32.14 11.44
CA GLU B 95 -15.82 -33.02 10.51
C GLU B 95 -16.13 -32.31 9.18
N LEU B 96 -16.50 -31.03 9.25
CA LEU B 96 -16.75 -30.24 8.03
C LEU B 96 -15.48 -30.00 7.24
N ILE B 97 -14.35 -29.83 7.95
CA ILE B 97 -13.09 -29.74 7.27
C ILE B 97 -12.77 -31.05 6.55
N GLU B 98 -13.04 -32.17 7.19
CA GLU B 98 -12.76 -33.47 6.56
C GLU B 98 -13.60 -33.62 5.29
N ARG B 99 -14.84 -33.13 5.33
CA ARG B 99 -15.77 -33.27 4.20
C ARG B 99 -15.49 -32.26 3.06
N TYR B 100 -15.13 -31.02 3.38
CA TYR B 100 -15.01 -29.97 2.35
C TYR B 100 -13.62 -29.48 2.05
N ALA B 101 -12.65 -29.82 2.91
CA ALA B 101 -11.30 -29.29 2.84
C ALA B 101 -11.24 -27.75 3.02
N ILE B 102 -12.26 -27.23 3.66
CA ILE B 102 -12.43 -25.83 3.96
C ILE B 102 -13.14 -25.79 5.32
N ASN B 103 -12.85 -24.78 6.13
CA ASN B 103 -13.55 -24.59 7.39
C ASN B 103 -14.95 -24.00 7.24
N ILE B 104 -15.87 -24.87 6.85
CA ILE B 104 -17.25 -24.47 6.58
C ILE B 104 -17.98 -24.05 7.82
N TYR B 105 -17.62 -24.67 8.93
CA TYR B 105 -18.22 -24.32 10.21
C TYR B 105 -18.04 -22.82 10.44
N LEU B 106 -16.82 -22.36 10.18
CA LEU B 106 -16.52 -20.93 10.26
C LEU B 106 -17.22 -20.13 9.13
N SER B 107 -17.13 -20.61 7.88
CA SER B 107 -17.85 -19.91 6.75
C SER B 107 -19.30 -19.69 7.07
N ASP B 108 -19.94 -20.68 7.68
CA ASP B 108 -21.35 -20.56 8.04
C ASP B 108 -21.65 -19.46 9.02
N ARG B 109 -20.65 -18.98 9.77
CA ARG B 109 -20.86 -17.89 10.72
C ARG B 109 -20.31 -16.54 10.23
N ILE B 110 -19.88 -16.49 8.97
CA ILE B 110 -19.49 -15.24 8.33
C ILE B 110 -20.60 -14.85 7.38
N SER B 111 -20.93 -13.56 7.38
CA SER B 111 -21.95 -13.05 6.50
C SER B 111 -21.72 -13.43 5.03
N LEU B 112 -22.80 -13.70 4.34
CA LEU B 112 -22.77 -13.98 2.90
C LEU B 112 -22.57 -12.72 2.09
N HIS B 113 -22.60 -11.59 2.78
CA HIS B 113 -22.55 -10.27 2.14
C HIS B 113 -21.33 -9.44 2.63
N ARG B 114 -20.33 -10.07 3.24
CA ARG B 114 -19.30 -9.30 3.90
C ARG B 114 -18.60 -8.35 2.95
N HIS B 115 -18.16 -7.22 3.51
CA HIS B 115 -17.21 -6.35 2.83
C HIS B 115 -15.81 -6.94 2.82
N ILE B 116 -15.05 -6.54 1.79
CA ILE B 116 -13.62 -6.83 1.70
C ILE B 116 -12.96 -5.45 1.63
N GLU B 117 -11.94 -5.21 2.45
CA GLU B 117 -11.26 -3.95 2.42
C GLU B 117 -10.48 -3.83 1.11
N ASP B 118 -10.71 -2.73 0.43
CA ASP B 118 -10.10 -2.47 -0.86
C ASP B 118 -8.69 -1.87 -0.64
N LYS B 119 -7.69 -2.72 -0.72
CA LYS B 119 -6.30 -2.31 -0.56
C LYS B 119 -5.55 -2.24 -1.88
N ARG B 120 -6.25 -1.96 -3.00
CA ARG B 120 -5.60 -1.85 -4.29
C ARG B 120 -4.64 -0.68 -4.34
N MET B 121 -3.77 -0.68 -5.34
CA MET B 121 -2.95 0.50 -5.64
C MET B 121 -3.86 1.73 -5.86
N TYR B 122 -3.42 2.87 -5.33
CA TYR B 122 -4.22 4.12 -5.38
C TYR B 122 -4.82 4.50 -6.76
N GLU B 123 -4.06 4.30 -7.81
CA GLU B 123 -4.46 4.67 -9.16
C GLU B 123 -5.72 3.84 -9.57
N CYS B 124 -5.81 2.59 -9.08
CA CYS B 124 -6.99 1.77 -9.36
C CYS B 124 -8.28 2.42 -8.90
N LYS B 125 -8.22 3.08 -7.75
CA LYS B 125 -9.43 3.57 -7.09
C LYS B 125 -9.94 4.84 -7.68
N SER B 126 -9.15 5.53 -8.48
CA SER B 126 -9.60 6.78 -9.13
C SER B 126 -9.86 6.59 -10.62
N GLN B 127 -9.76 5.38 -11.14
CA GLN B 127 -10.10 5.16 -12.56
C GLN B 127 -11.60 5.45 -12.80
N LYS B 128 -11.92 6.00 -13.96
CA LYS B 128 -13.32 6.35 -14.32
C LYS B 128 -13.69 5.48 -15.50
N PHE B 129 -14.94 5.04 -15.57
CA PHE B 129 -15.34 4.16 -16.69
C PHE B 129 -16.50 4.77 -17.44
N ASN B 130 -16.59 4.49 -18.72
CA ASN B 130 -17.78 4.83 -19.49
C ASN B 130 -18.71 3.60 -19.57
N TYR B 131 -19.71 3.61 -18.69
CA TYR B 131 -20.59 2.48 -18.51
C TYR B 131 -21.51 2.27 -19.69
N ARG B 132 -21.71 3.29 -20.53
CA ARG B 132 -22.55 3.14 -21.71
C ARG B 132 -21.84 2.43 -22.82
N THR B 133 -20.50 2.35 -22.84
CA THR B 133 -19.81 1.67 -23.94
C THR B 133 -19.04 0.40 -23.56
N LEU B 134 -19.02 0.08 -22.28
CA LEU B 134 -18.35 -1.13 -21.84
C LEU B 134 -19.20 -2.32 -22.31
N PRO B 135 -18.55 -3.42 -22.68
CA PRO B 135 -19.30 -4.65 -22.96
C PRO B 135 -19.99 -5.25 -21.75
N THR B 136 -21.02 -6.06 -22.01
CA THR B 136 -21.72 -6.78 -20.96
C THR B 136 -21.02 -8.09 -20.70
N THR B 137 -21.40 -8.73 -19.59
CA THR B 137 -20.84 -10.02 -19.31
C THR B 137 -21.86 -11.00 -18.73
N SER B 138 -21.58 -12.27 -18.99
CA SER B 138 -22.27 -13.38 -18.38
C SER B 138 -21.24 -14.01 -17.45
N VAL B 139 -21.53 -14.02 -16.16
CA VAL B 139 -20.68 -14.66 -15.19
C VAL B 139 -21.08 -16.11 -15.12
N ILE B 140 -20.12 -17.01 -15.29
CA ILE B 140 -20.36 -18.45 -15.33
C ILE B 140 -19.64 -19.14 -14.19
N ILE B 141 -20.42 -19.82 -13.34
CA ILE B 141 -19.90 -20.49 -12.15
C ILE B 141 -20.35 -21.95 -12.19
N ALA B 142 -19.44 -22.84 -12.56
CA ALA B 142 -19.66 -24.28 -12.40
C ALA B 142 -19.40 -24.63 -11.00
N PHE B 143 -20.21 -25.56 -10.49
CA PHE B 143 -19.99 -26.09 -9.17
C PHE B 143 -20.26 -27.60 -9.05
N TYR B 144 -19.50 -28.21 -8.15
CA TYR B 144 -19.65 -29.62 -7.83
C TYR B 144 -19.48 -29.80 -6.36
N ASN B 145 -20.59 -30.05 -5.66
CA ASN B 145 -20.60 -30.36 -4.24
C ASN B 145 -19.99 -29.27 -3.36
N GLU B 146 -20.14 -28.02 -3.78
CA GLU B 146 -19.74 -26.88 -2.91
C GLU B 146 -20.59 -26.79 -1.66
N ALA B 147 -19.96 -26.37 -0.55
CA ALA B 147 -20.73 -26.01 0.64
C ALA B 147 -21.68 -24.90 0.33
N TRP B 148 -22.79 -24.89 1.04
CA TRP B 148 -23.84 -23.86 0.95
C TRP B 148 -23.30 -22.43 1.14
N SER B 149 -22.55 -22.17 2.20
CA SER B 149 -22.24 -20.77 2.55
C SER B 149 -21.19 -20.19 1.57
N THR B 150 -20.21 -20.97 1.15
CA THR B 150 -19.27 -20.49 0.16
C THR B 150 -19.88 -20.28 -1.22
N LEU B 151 -20.71 -21.22 -1.67
CA LEU B 151 -21.42 -21.03 -2.94
C LEU B 151 -22.27 -19.77 -2.95
N LEU B 152 -23.09 -19.59 -1.92
CA LEU B 152 -23.97 -18.43 -1.84
C LEU B 152 -23.20 -17.08 -1.63
N ARG B 153 -22.11 -17.12 -0.88
CA ARG B 153 -21.34 -15.94 -0.72
C ARG B 153 -20.82 -15.49 -2.07
N THR B 154 -20.38 -16.43 -2.91
CA THR B 154 -19.89 -16.10 -4.24
C THR B 154 -20.98 -15.43 -5.03
N ILE B 155 -22.16 -16.00 -5.02
CA ILE B 155 -23.28 -15.46 -5.76
C ILE B 155 -23.64 -14.05 -5.29
N HIS B 156 -23.80 -13.87 -4.00
CA HIS B 156 -24.10 -12.53 -3.48
C HIS B 156 -22.98 -11.49 -3.75
N SER B 157 -21.74 -11.97 -3.69
CA SER B 157 -20.58 -11.06 -3.96
C SER B 157 -20.63 -10.49 -5.40
N VAL B 158 -20.91 -11.36 -6.37
CA VAL B 158 -21.06 -10.96 -7.77
C VAL B 158 -22.20 -9.96 -7.91
N LEU B 159 -23.35 -10.29 -7.31
CA LEU B 159 -24.52 -9.45 -7.38
C LEU B 159 -24.28 -8.08 -6.74
N GLU B 160 -23.44 -8.03 -5.72
CA GLU B 160 -23.27 -6.83 -4.91
C GLU B 160 -22.09 -5.96 -5.34
N THR B 161 -21.21 -6.49 -6.20
CA THR B 161 -20.00 -5.75 -6.62
C THR B 161 -19.96 -5.45 -8.08
N SER B 162 -20.91 -5.97 -8.85
CA SER B 162 -20.89 -5.86 -10.28
C SER B 162 -21.97 -4.89 -10.74
N PRO B 163 -21.61 -3.87 -11.53
CA PRO B 163 -22.63 -2.89 -11.96
C PRO B 163 -23.73 -3.58 -12.74
N ALA B 164 -24.96 -3.30 -12.36
CA ALA B 164 -26.13 -3.90 -13.00
C ALA B 164 -26.13 -3.72 -14.52
N VAL B 165 -25.74 -2.53 -15.04
CA VAL B 165 -25.68 -2.36 -16.51
C VAL B 165 -24.76 -3.27 -17.26
N LEU B 166 -23.77 -3.83 -16.58
CA LEU B 166 -22.82 -4.73 -17.18
C LEU B 166 -23.12 -6.19 -16.97
N LEU B 167 -23.89 -6.54 -15.95
CA LEU B 167 -24.09 -7.93 -15.55
C LEU B 167 -25.37 -8.48 -16.17
N LYS B 168 -25.22 -9.11 -17.32
CA LYS B 168 -26.37 -9.62 -18.05
C LYS B 168 -27.01 -10.76 -17.30
N GLU B 169 -26.18 -11.63 -16.73
CA GLU B 169 -26.66 -12.82 -16.07
C GLU B 169 -25.52 -13.47 -15.27
N ILE B 170 -25.92 -14.23 -14.25
CA ILE B 170 -25.08 -15.19 -13.61
C ILE B 170 -25.65 -16.56 -13.97
N ILE B 171 -24.83 -17.40 -14.55
CA ILE B 171 -25.18 -18.76 -14.89
C ILE B 171 -24.45 -19.73 -13.98
N LEU B 172 -25.19 -20.41 -13.11
CA LEU B 172 -24.67 -21.48 -12.28
C LEU B 172 -24.85 -22.78 -13.03
N VAL B 173 -23.84 -23.65 -12.97
CA VAL B 173 -23.87 -24.94 -13.58
C VAL B 173 -23.60 -25.98 -12.53
N ASP B 174 -24.67 -26.69 -12.13
CA ASP B 174 -24.59 -27.81 -11.23
C ASP B 174 -24.12 -29.03 -11.98
N ASP B 175 -22.89 -29.43 -11.68
CA ASP B 175 -22.25 -30.54 -12.33
C ASP B 175 -22.49 -31.86 -11.57
N LEU B 176 -23.75 -32.27 -11.62
CA LEU B 176 -24.26 -33.45 -10.91
C LEU B 176 -23.77 -33.53 -9.46
N SER B 177 -24.05 -32.46 -8.71
CA SER B 177 -23.81 -32.47 -7.30
C SER B 177 -24.72 -33.55 -6.65
N ASP B 178 -24.25 -34.11 -5.55
CA ASP B 178 -25.05 -35.09 -4.80
CA ASP B 178 -24.87 -35.13 -4.72
C ASP B 178 -25.52 -34.55 -3.45
N ARG B 179 -25.06 -33.39 -3.02
CA ARG B 179 -25.53 -32.82 -1.75
C ARG B 179 -26.99 -32.41 -1.84
N VAL B 180 -27.75 -32.73 -0.80
CA VAL B 180 -29.21 -32.65 -0.86
C VAL B 180 -29.62 -31.20 -0.84
N TYR B 181 -28.84 -30.33 -0.19
CA TYR B 181 -29.19 -28.90 -0.16
C TYR B 181 -29.04 -28.25 -1.58
N LEU B 182 -28.29 -28.89 -2.46
CA LEU B 182 -28.06 -28.37 -3.82
C LEU B 182 -29.19 -28.70 -4.77
N LYS B 183 -30.21 -29.43 -4.28
CA LYS B 183 -31.43 -29.66 -5.05
C LYS B 183 -32.49 -28.60 -4.76
N THR B 184 -33.55 -28.96 -4.03
CA THR B 184 -34.63 -28.07 -3.75
C THR B 184 -34.26 -26.78 -3.03
N GLN B 185 -33.47 -26.89 -2.01
CA GLN B 185 -33.16 -25.69 -1.19
C GLN B 185 -32.44 -24.59 -2.02
N LEU B 186 -31.50 -25.00 -2.85
CA LEU B 186 -30.83 -24.03 -3.75
C LEU B 186 -31.78 -23.37 -4.68
N GLU B 187 -32.66 -24.15 -5.33
CA GLU B 187 -33.55 -23.56 -6.31
C GLU B 187 -34.49 -22.53 -5.70
N THR B 188 -35.01 -22.83 -4.52
CA THR B 188 -35.85 -21.88 -3.85
C THR B 188 -35.10 -20.63 -3.45
N TYR B 189 -33.91 -20.81 -2.92
CA TYR B 189 -33.09 -19.64 -2.58
C TYR B 189 -32.77 -18.73 -3.77
N ILE B 190 -32.30 -19.27 -4.88
CA ILE B 190 -32.01 -18.38 -6.05
C ILE B 190 -33.18 -17.83 -6.79
N SER B 191 -34.39 -18.37 -6.55
CA SER B 191 -35.63 -17.93 -7.27
C SER B 191 -35.92 -16.46 -6.99
N ASN B 192 -35.43 -15.97 -5.87
CA ASN B 192 -35.60 -14.57 -5.49
C ASN B 192 -34.46 -13.65 -6.00
N LEU B 193 -33.49 -14.15 -6.74
CA LEU B 193 -32.29 -13.32 -7.09
C LEU B 193 -32.35 -13.03 -8.56
N ASP B 194 -32.55 -11.76 -8.91
CA ASP B 194 -32.64 -11.33 -10.31
C ASP B 194 -31.38 -11.73 -11.07
N ARG B 195 -31.58 -12.25 -12.28
CA ARG B 195 -30.57 -12.59 -13.24
C ARG B 195 -29.70 -13.80 -12.91
N VAL B 196 -30.06 -14.56 -11.89
CA VAL B 196 -29.36 -15.78 -11.56
C VAL B 196 -30.13 -16.91 -12.25
N ARG B 197 -29.42 -17.65 -13.07
CA ARG B 197 -29.97 -18.81 -13.78
C ARG B 197 -29.20 -20.09 -13.38
N LEU B 198 -29.92 -21.17 -13.16
CA LEU B 198 -29.32 -22.46 -12.83
C LEU B 198 -29.49 -23.43 -14.00
N ILE B 199 -28.39 -24.06 -14.42
CA ILE B 199 -28.40 -25.20 -15.32
C ILE B 199 -27.87 -26.39 -14.60
N ARG B 200 -28.47 -27.55 -14.81
CA ARG B 200 -27.95 -28.77 -14.23
C ARG B 200 -27.45 -29.71 -15.30
N THR B 201 -26.32 -30.37 -15.08
CA THR B 201 -25.90 -31.42 -15.98
C THR B 201 -26.69 -32.70 -15.66
N ASN B 202 -26.68 -33.66 -16.58
CA ASN B 202 -27.31 -34.94 -16.29
C ASN B 202 -26.32 -36.06 -16.04
N LYS B 203 -25.08 -35.66 -15.95
CA LYS B 203 -24.01 -36.53 -15.60
C LYS B 203 -22.86 -35.69 -15.15
N ARG B 204 -21.89 -36.38 -14.63
CA ARG B 204 -20.68 -35.76 -14.14
C ARG B 204 -19.81 -35.30 -15.33
N GLU B 205 -19.79 -34.00 -15.63
CA GLU B 205 -19.16 -33.51 -16.86
C GLU B 205 -17.69 -33.12 -16.68
N GLY B 206 -17.33 -32.68 -15.49
CA GLY B 206 -16.03 -32.09 -15.26
C GLY B 206 -16.08 -30.58 -15.50
N LEU B 207 -15.09 -29.87 -14.94
CA LEU B 207 -15.11 -28.41 -14.92
C LEU B 207 -15.13 -27.82 -16.28
N VAL B 208 -14.37 -28.41 -17.20
CA VAL B 208 -14.34 -27.93 -18.58
C VAL B 208 -15.69 -28.02 -19.25
N ARG B 209 -16.25 -29.23 -19.29
CA ARG B 209 -17.50 -29.37 -19.99
C ARG B 209 -18.65 -28.65 -19.30
N ALA B 210 -18.61 -28.57 -17.97
CA ALA B 210 -19.61 -27.85 -17.25
C ALA B 210 -19.51 -26.36 -17.58
N ARG B 211 -18.28 -25.81 -17.62
CA ARG B 211 -18.12 -24.42 -18.12
C ARG B 211 -18.64 -24.19 -19.52
N LEU B 212 -18.33 -25.11 -20.43
CA LEU B 212 -18.83 -25.01 -21.81
C LEU B 212 -20.31 -25.04 -21.91
N ILE B 213 -20.96 -25.86 -21.07
CA ILE B 213 -22.39 -25.88 -21.04
C ILE B 213 -22.91 -24.53 -20.60
N GLY B 214 -22.29 -23.90 -19.58
CA GLY B 214 -22.73 -22.53 -19.26
C GLY B 214 -22.48 -21.51 -20.33
N ALA B 215 -21.30 -21.59 -20.93
CA ALA B 215 -20.93 -20.68 -22.03
C ALA B 215 -21.87 -20.77 -23.22
N THR B 216 -22.30 -22.01 -23.52
CA THR B 216 -23.20 -22.19 -24.65
CA THR B 216 -23.21 -22.22 -24.63
C THR B 216 -24.51 -21.46 -24.38
N PHE B 217 -24.95 -21.42 -23.14
CA PHE B 217 -26.15 -20.68 -22.78
C PHE B 217 -25.97 -19.18 -22.72
N ALA B 218 -24.74 -18.71 -22.47
CA ALA B 218 -24.52 -17.30 -22.21
C ALA B 218 -24.70 -16.47 -23.44
N THR B 219 -25.32 -15.30 -23.26
CA THR B 219 -25.49 -14.35 -24.35
C THR B 219 -24.90 -12.99 -24.08
N GLY B 220 -24.07 -12.86 -23.03
CA GLY B 220 -23.34 -11.60 -22.80
C GLY B 220 -22.24 -11.40 -23.83
N ASP B 221 -21.74 -10.17 -23.94
CA ASP B 221 -20.58 -9.90 -24.85
C ASP B 221 -19.34 -10.66 -24.42
N VAL B 222 -19.12 -10.70 -23.10
CA VAL B 222 -17.95 -11.30 -22.50
C VAL B 222 -18.33 -12.46 -21.55
N LEU B 223 -17.61 -13.57 -21.64
CA LEU B 223 -17.75 -14.65 -20.70
C LEU B 223 -16.79 -14.38 -19.54
N THR B 224 -17.31 -14.34 -18.33
CA THR B 224 -16.42 -14.22 -17.10
C THR B 224 -16.62 -15.46 -16.25
N PHE B 225 -15.62 -16.32 -16.25
CA PHE B 225 -15.63 -17.51 -15.49
C PHE B 225 -15.14 -17.22 -14.07
N LEU B 226 -15.91 -17.61 -13.06
CA LEU B 226 -15.43 -17.61 -11.65
C LEU B 226 -15.62 -18.96 -11.04
N ASP B 227 -14.92 -19.27 -9.97
CA ASP B 227 -15.18 -20.51 -9.28
C ASP B 227 -16.29 -20.24 -8.25
N CYS B 228 -16.77 -21.32 -7.64
CA CYS B 228 -17.87 -21.22 -6.69
C CYS B 228 -17.47 -20.96 -5.25
N HIS B 229 -16.23 -20.57 -4.99
CA HIS B 229 -15.84 -20.12 -3.65
C HIS B 229 -14.92 -18.95 -3.77
N CYS B 230 -15.49 -17.87 -4.27
CA CYS B 230 -14.77 -16.63 -4.46
C CYS B 230 -15.49 -15.51 -3.79
N GLU B 231 -14.77 -14.41 -3.62
CA GLU B 231 -15.34 -13.16 -3.17
C GLU B 231 -14.69 -12.05 -3.98
N CYS B 232 -15.52 -11.17 -4.52
CA CYS B 232 -15.04 -10.11 -5.39
C CYS B 232 -14.69 -8.87 -4.60
N ASN B 233 -13.56 -8.23 -4.94
CA ASN B 233 -13.21 -6.87 -4.45
C ASN B 233 -14.06 -5.85 -5.21
N SER B 234 -14.30 -4.69 -4.62
CA SER B 234 -14.84 -3.53 -5.30
C SER B 234 -14.11 -3.29 -6.61
N GLY B 235 -14.88 -2.93 -7.63
CA GLY B 235 -14.27 -2.58 -8.92
C GLY B 235 -13.56 -3.68 -9.66
N TRP B 236 -13.88 -4.95 -9.34
CA TRP B 236 -13.19 -6.07 -9.99
C TRP B 236 -13.53 -6.22 -11.47
N LEU B 237 -14.75 -5.82 -11.83
CA LEU B 237 -15.29 -6.19 -13.16
C LEU B 237 -14.88 -5.17 -14.24
N GLU B 238 -15.08 -3.90 -13.95
CA GLU B 238 -14.81 -2.83 -14.94
C GLU B 238 -13.45 -2.89 -15.63
N PRO B 239 -12.36 -3.15 -14.88
CA PRO B 239 -11.07 -3.26 -15.58
C PRO B 239 -10.93 -4.40 -16.59
N LEU B 240 -11.56 -5.53 -16.31
CA LEU B 240 -11.55 -6.66 -17.25
C LEU B 240 -12.32 -6.25 -18.53
N LEU B 241 -13.51 -5.70 -18.33
CA LEU B 241 -14.39 -5.38 -19.49
C LEU B 241 -13.84 -4.20 -20.31
N GLU B 242 -13.22 -3.25 -19.61
CA GLU B 242 -12.59 -2.11 -20.27
C GLU B 242 -11.48 -2.57 -21.17
N ARG B 243 -10.64 -3.48 -20.70
CA ARG B 243 -9.54 -3.98 -21.49
C ARG B 243 -10.03 -4.78 -22.72
N ILE B 244 -10.97 -5.68 -22.49
CA ILE B 244 -11.57 -6.43 -23.59
C ILE B 244 -12.28 -5.53 -24.61
N GLY B 245 -12.89 -4.44 -24.14
CA GLY B 245 -13.49 -3.42 -25.00
C GLY B 245 -12.50 -2.72 -25.95
N ARG B 246 -11.23 -2.62 -25.56
CA ARG B 246 -10.18 -2.06 -26.40
C ARG B 246 -9.47 -3.11 -27.22
N ASP B 247 -9.38 -4.35 -26.74
CA ASP B 247 -8.79 -5.45 -27.49
C ASP B 247 -9.52 -6.76 -27.21
N GLU B 248 -10.38 -7.14 -28.15
CA GLU B 248 -11.23 -8.33 -28.01
C GLU B 248 -10.49 -9.64 -28.03
N THR B 249 -9.22 -9.61 -28.39
CA THR B 249 -8.36 -10.79 -28.30
C THR B 249 -7.58 -10.87 -26.97
N ALA B 250 -7.84 -9.97 -26.04
CA ALA B 250 -7.24 -10.09 -24.71
C ALA B 250 -8.14 -10.93 -23.81
N VAL B 251 -7.56 -11.99 -23.29
CA VAL B 251 -8.16 -12.78 -22.26
C VAL B 251 -7.60 -12.23 -20.94
N VAL B 252 -8.47 -11.69 -20.08
CA VAL B 252 -8.02 -10.87 -18.94
C VAL B 252 -8.46 -11.52 -17.64
N CYS B 253 -7.50 -11.79 -16.76
CA CYS B 253 -7.76 -12.40 -15.43
C CYS B 253 -7.67 -11.38 -14.32
N PRO B 254 -8.56 -11.47 -13.31
CA PRO B 254 -8.22 -10.77 -12.10
C PRO B 254 -6.96 -11.28 -11.45
N VAL B 255 -6.39 -10.45 -10.57
CA VAL B 255 -5.44 -10.93 -9.58
C VAL B 255 -6.20 -11.88 -8.68
N ILE B 256 -5.72 -13.11 -8.52
CA ILE B 256 -6.39 -14.05 -7.70
C ILE B 256 -5.73 -13.97 -6.34
N ASP B 257 -6.50 -13.53 -5.34
CA ASP B 257 -5.99 -13.43 -3.97
C ASP B 257 -6.39 -14.65 -3.17
N THR B 258 -5.58 -15.03 -2.22
CA THR B 258 -5.89 -16.14 -1.37
C THR B 258 -6.89 -15.79 -0.29
N ILE B 259 -7.95 -16.62 -0.17
CA ILE B 259 -8.82 -16.56 0.99
C ILE B 259 -8.46 -17.82 1.82
N ASP B 260 -8.08 -17.61 3.09
CA ASP B 260 -7.59 -18.68 3.94
C ASP B 260 -8.69 -19.64 4.25
N TRP B 261 -8.45 -20.93 3.97
CA TRP B 261 -9.48 -21.95 4.13
C TRP B 261 -9.90 -22.18 5.57
N ASN B 262 -8.98 -21.89 6.52
CA ASN B 262 -9.22 -22.11 7.93
C ASN B 262 -9.71 -20.89 8.72
N THR B 263 -9.20 -19.70 8.39
CA THR B 263 -9.60 -18.45 9.03
C THR B 263 -10.47 -17.48 8.18
N PHE B 264 -10.58 -17.76 6.88
CA PHE B 264 -11.28 -16.89 5.93
C PHE B 264 -10.71 -15.49 5.77
N GLU B 265 -9.45 -15.30 6.21
CA GLU B 265 -8.77 -14.08 5.97
C GLU B 265 -8.55 -13.94 4.46
N PHE B 266 -8.86 -12.76 3.97
CA PHE B 266 -8.62 -12.38 2.59
C PHE B 266 -7.26 -11.70 2.54
N TYR B 267 -6.32 -12.32 1.86
CA TYR B 267 -4.95 -11.81 1.66
C TYR B 267 -4.80 -11.03 0.37
N MET B 268 -5.09 -9.74 0.36
CA MET B 268 -5.03 -8.97 -0.89
C MET B 268 -3.60 -8.65 -1.29
N GLN B 269 -3.19 -9.02 -2.52
CA GLN B 269 -1.92 -8.57 -3.09
CA GLN B 269 -1.90 -8.59 -3.02
C GLN B 269 -2.02 -7.06 -3.18
N ILE B 270 -1.19 -6.32 -2.43
CA ILE B 270 -1.34 -4.83 -2.43
C ILE B 270 -0.54 -4.08 -3.51
N GLY B 271 0.35 -4.75 -4.20
CA GLY B 271 1.14 -4.08 -5.24
C GLY B 271 1.17 -4.90 -6.51
N GLU B 272 2.35 -5.07 -7.09
CA GLU B 272 2.46 -5.86 -8.29
C GLU B 272 2.11 -7.29 -8.02
N PRO B 273 1.23 -7.87 -8.85
CA PRO B 273 0.83 -9.22 -8.55
C PRO B 273 1.79 -10.23 -9.09
N MET B 274 1.67 -11.43 -8.57
CA MET B 274 2.27 -12.59 -9.18
C MET B 274 1.55 -12.90 -10.54
N ILE B 275 2.24 -13.55 -11.45
CA ILE B 275 1.68 -13.90 -12.75
C ILE B 275 1.94 -15.37 -13.01
N GLY B 276 1.35 -15.88 -14.08
CA GLY B 276 1.26 -17.28 -14.29
C GLY B 276 2.30 -17.82 -15.23
N GLY B 277 2.88 -18.94 -14.83
CA GLY B 277 3.71 -19.76 -15.68
C GLY B 277 3.38 -21.23 -15.46
N PHE B 278 4.41 -22.05 -15.59
CA PHE B 278 4.34 -23.47 -15.41
C PHE B 278 5.72 -23.98 -15.16
N ASP B 279 5.80 -25.19 -14.61
CA ASP B 279 7.09 -25.89 -14.46
C ASP B 279 7.15 -27.05 -15.49
N TRP B 280 8.26 -27.75 -15.53
CA TRP B 280 8.43 -28.85 -16.47
C TRP B 280 7.71 -30.15 -16.08
N ARG B 281 7.04 -30.19 -14.93
CA ARG B 281 5.96 -31.15 -14.69
C ARG B 281 4.65 -30.74 -15.40
N LEU B 282 4.62 -29.54 -16.01
CA LEU B 282 3.42 -28.95 -16.60
C LEU B 282 2.30 -28.76 -15.61
N THR B 283 2.71 -28.38 -14.41
CA THR B 283 1.76 -27.82 -13.45
C THR B 283 1.82 -26.30 -13.51
N PHE B 284 0.67 -25.65 -13.36
CA PHE B 284 0.60 -24.21 -13.17
C PHE B 284 1.38 -23.77 -11.97
N GLN B 285 2.20 -22.74 -12.14
CA GLN B 285 3.02 -22.14 -11.06
C GLN B 285 3.06 -20.62 -11.22
N TRP B 286 3.05 -19.92 -10.09
CA TRP B 286 3.16 -18.48 -10.04
C TRP B 286 4.62 -18.08 -10.21
N HIS B 287 4.87 -16.91 -10.82
CA HIS B 287 6.23 -16.27 -10.81
C HIS B 287 6.08 -14.73 -10.79
N SER B 288 7.17 -14.02 -10.44
CA SER B 288 7.14 -12.56 -10.37
CA SER B 288 7.21 -12.56 -10.39
C SER B 288 7.31 -11.96 -11.78
N VAL B 289 6.82 -10.76 -11.95
CA VAL B 289 6.85 -10.12 -13.26
C VAL B 289 8.31 -9.87 -13.65
N PRO B 290 8.74 -10.35 -14.81
CA PRO B 290 10.09 -9.98 -15.25
C PRO B 290 10.31 -8.54 -15.71
N LYS B 291 11.56 -8.09 -15.61
CA LYS B 291 11.92 -6.70 -15.95
C LYS B 291 11.43 -6.25 -17.37
N GLN B 292 11.59 -7.09 -18.39
CA GLN B 292 11.15 -6.75 -19.76
C GLN B 292 9.68 -6.28 -19.76
N GLU B 293 8.84 -7.02 -19.04
CA GLU B 293 7.41 -6.73 -19.02
C GLU B 293 7.15 -5.49 -18.19
N ARG B 294 7.82 -5.32 -17.05
CA ARG B 294 7.75 -4.04 -16.34
C ARG B 294 8.09 -2.84 -17.24
N ASP B 295 9.14 -2.99 -18.03
CA ASP B 295 9.61 -1.85 -18.84
C ASP B 295 8.72 -1.64 -20.06
N ARG B 296 8.12 -2.69 -20.60
CA ARG B 296 7.13 -2.53 -21.68
C ARG B 296 5.92 -1.64 -21.29
N ARG B 297 5.45 -1.80 -20.05
CA ARG B 297 4.25 -1.10 -19.62
C ARG B 297 4.50 0.32 -19.23
N ILE B 298 3.55 1.19 -19.54
CA ILE B 298 3.63 2.59 -19.23
C ILE B 298 3.26 2.88 -17.78
N SER B 299 2.25 2.19 -17.24
CA SER B 299 1.78 2.43 -15.91
C SER B 299 1.82 1.10 -15.16
N ARG B 300 2.16 1.14 -13.88
CA ARG B 300 2.18 -0.08 -13.06
C ARG B 300 0.76 -0.65 -12.85
N ILE B 301 -0.32 0.10 -13.10
CA ILE B 301 -1.69 -0.50 -13.13
C ILE B 301 -2.25 -0.94 -14.50
N ASP B 302 -1.40 -0.92 -15.52
CA ASP B 302 -1.72 -1.57 -16.81
C ASP B 302 -1.76 -3.07 -16.69
N PRO B 303 -2.53 -3.74 -17.58
CA PRO B 303 -2.47 -5.18 -17.62
C PRO B 303 -1.07 -5.68 -17.76
N ILE B 304 -0.84 -6.89 -17.27
CA ILE B 304 0.45 -7.52 -17.27
C ILE B 304 0.32 -8.79 -18.06
N ARG B 305 1.16 -8.95 -19.08
CA ARG B 305 1.17 -10.17 -19.85
C ARG B 305 1.58 -11.36 -19.00
N SER B 306 0.81 -12.44 -19.14
CA SER B 306 1.02 -13.61 -18.32
C SER B 306 1.17 -14.81 -19.22
N PRO B 307 2.28 -15.54 -19.07
CA PRO B 307 2.43 -16.72 -19.89
C PRO B 307 1.33 -17.75 -19.77
N THR B 308 0.83 -17.94 -18.55
CA THR B 308 -0.35 -18.78 -18.33
C THR B 308 -1.37 -18.17 -17.38
N MET B 309 -2.51 -18.83 -17.33
CA MET B 309 -3.63 -18.51 -16.46
C MET B 309 -3.75 -19.47 -15.29
N ALA B 310 -4.11 -19.05 -14.07
CA ALA B 310 -4.46 -20.09 -13.06
C ALA B 310 -5.63 -20.95 -13.60
N GLY B 311 -6.62 -20.30 -14.15
CA GLY B 311 -7.62 -21.13 -14.85
C GLY B 311 -9.04 -20.81 -14.52
N GLY B 312 -9.24 -20.52 -13.24
CA GLY B 312 -10.58 -20.55 -12.72
C GLY B 312 -11.24 -19.23 -12.98
N LEU B 313 -10.41 -18.21 -13.11
CA LEU B 313 -10.96 -16.91 -13.14
C LEU B 313 -10.43 -16.07 -14.31
N PHE B 314 -11.30 -15.79 -15.26
CA PHE B 314 -10.88 -15.09 -16.47
C PHE B 314 -12.05 -14.61 -17.25
N ALA B 315 -11.83 -13.56 -18.02
CA ALA B 315 -12.84 -12.98 -18.85
C ALA B 315 -12.36 -13.01 -20.27
N VAL B 316 -13.28 -13.31 -21.20
CA VAL B 316 -12.95 -13.42 -22.63
C VAL B 316 -14.18 -13.04 -23.47
N SER B 317 -13.97 -12.30 -24.55
CA SER B 317 -15.02 -12.08 -25.52
C SER B 317 -15.63 -13.39 -25.95
N LYS B 318 -16.95 -13.50 -25.87
CA LYS B 318 -17.63 -14.77 -26.19
C LYS B 318 -17.27 -15.24 -27.60
N LYS B 319 -17.39 -14.35 -28.55
CA LYS B 319 -17.06 -14.70 -29.93
C LYS B 319 -15.63 -15.12 -30.11
N TYR B 320 -14.70 -14.54 -29.34
CA TYR B 320 -13.30 -14.89 -29.51
C TYR B 320 -13.06 -16.25 -28.92
N PHE B 321 -13.69 -16.53 -27.78
CA PHE B 321 -13.61 -17.84 -27.19
C PHE B 321 -14.15 -18.92 -28.17
N GLN B 322 -15.28 -18.64 -28.77
CA GLN B 322 -15.81 -19.56 -29.82
C GLN B 322 -14.83 -19.73 -30.97
N TYR B 323 -14.25 -18.63 -31.44
CA TYR B 323 -13.29 -18.66 -32.55
C TYR B 323 -12.10 -19.50 -32.24
N LEU B 324 -11.57 -19.35 -31.02
CA LEU B 324 -10.44 -20.16 -30.62
C LEU B 324 -10.74 -21.61 -30.36
N GLY B 325 -12.00 -21.99 -30.41
CA GLY B 325 -12.31 -23.39 -30.14
C GLY B 325 -12.49 -23.66 -28.66
N THR B 326 -13.07 -22.70 -27.93
CA THR B 326 -13.45 -22.77 -26.50
C THR B 326 -12.43 -23.58 -25.69
N TYR B 327 -12.81 -24.80 -25.30
CA TYR B 327 -11.87 -25.69 -24.58
C TYR B 327 -11.79 -27.01 -25.34
N ASP B 328 -10.69 -27.72 -25.12
CA ASP B 328 -10.58 -29.08 -25.57
C ASP B 328 -11.56 -30.01 -24.81
N THR B 329 -12.62 -30.44 -25.51
CA THR B 329 -13.72 -31.19 -24.88
C THR B 329 -13.36 -32.67 -24.44
N GLY B 330 -12.25 -33.23 -24.93
CA GLY B 330 -11.71 -34.52 -24.39
C GLY B 330 -11.05 -34.47 -23.00
N MET B 331 -11.00 -33.28 -22.40
CA MET B 331 -10.39 -33.11 -21.10
C MET B 331 -11.44 -33.49 -20.02
N GLU B 332 -11.02 -34.32 -19.06
CA GLU B 332 -11.93 -34.88 -18.02
C GLU B 332 -11.69 -34.36 -16.60
N VAL B 333 -12.79 -34.02 -15.94
CA VAL B 333 -12.98 -33.47 -14.56
C VAL B 333 -12.10 -32.28 -14.16
N TRP B 334 -10.77 -32.40 -14.21
CA TRP B 334 -9.89 -31.29 -13.75
C TRP B 334 -8.47 -31.47 -14.27
N GLY B 335 -7.85 -30.35 -14.59
CA GLY B 335 -6.43 -30.30 -14.87
C GLY B 335 -6.16 -30.16 -16.33
N GLY B 336 -5.05 -29.51 -16.66
CA GLY B 336 -4.57 -29.42 -18.04
C GLY B 336 -5.18 -28.25 -18.83
N GLU B 337 -6.46 -27.96 -18.58
CA GLU B 337 -7.19 -26.96 -19.39
C GLU B 337 -6.63 -25.51 -19.34
N ASN B 338 -6.07 -25.14 -18.19
CA ASN B 338 -5.62 -23.79 -17.97
C ASN B 338 -4.39 -23.59 -18.87
N LEU B 339 -3.53 -24.60 -18.89
CA LEU B 339 -2.32 -24.61 -19.71
C LEU B 339 -2.66 -24.69 -21.19
N GLU B 340 -3.51 -25.62 -21.57
CA GLU B 340 -3.96 -25.71 -22.95
C GLU B 340 -4.55 -24.42 -23.48
N LEU B 341 -5.46 -23.80 -22.72
CA LEU B 341 -6.08 -22.58 -23.13
C LEU B 341 -5.01 -21.47 -23.25
N SER B 342 -4.10 -21.42 -22.29
CA SER B 342 -3.02 -20.41 -22.29
C SER B 342 -2.12 -20.47 -23.54
N PHE B 343 -1.62 -21.65 -23.84
CA PHE B 343 -0.81 -21.85 -25.00
C PHE B 343 -1.51 -21.47 -26.28
N ARG B 344 -2.76 -21.86 -26.39
CA ARG B 344 -3.53 -21.64 -27.59
C ARG B 344 -3.82 -20.16 -27.78
N VAL B 345 -4.17 -19.48 -26.70
CA VAL B 345 -4.39 -18.04 -26.77
C VAL B 345 -3.14 -17.33 -27.33
N TRP B 346 -1.99 -17.59 -26.73
CA TRP B 346 -0.77 -16.91 -27.13
C TRP B 346 -0.35 -17.32 -28.55
N GLN B 347 -0.19 -18.62 -28.76
CA GLN B 347 0.26 -19.13 -30.03
C GLN B 347 -0.63 -18.75 -31.22
N CYS B 348 -1.94 -18.64 -30.98
CA CYS B 348 -2.89 -18.33 -32.05
C CYS B 348 -3.31 -16.85 -32.09
N GLY B 349 -2.43 -16.01 -31.53
CA GLY B 349 -2.50 -14.60 -31.05
C GLY B 349 -3.49 -13.51 -30.67
N GLY B 350 -4.28 -13.59 -29.61
CA GLY B 350 -3.96 -13.98 -28.37
C GLY B 350 -3.15 -13.03 -27.51
N LYS B 351 -3.75 -12.41 -26.51
CA LYS B 351 -2.98 -11.90 -25.39
C LYS B 351 -3.64 -12.47 -24.12
N LEU B 352 -2.82 -12.87 -23.17
CA LEU B 352 -3.31 -13.33 -21.85
C LEU B 352 -2.72 -12.40 -20.79
N GLU B 353 -3.59 -11.72 -20.01
CA GLU B 353 -3.15 -10.68 -19.08
C GLU B 353 -3.78 -10.85 -17.73
N ILE B 354 -3.07 -10.36 -16.72
CA ILE B 354 -3.61 -10.17 -15.40
C ILE B 354 -3.75 -8.68 -15.14
N HIS B 355 -4.93 -8.29 -14.65
CA HIS B 355 -5.19 -6.91 -14.42
C HIS B 355 -5.04 -6.51 -12.93
N PRO B 356 -4.03 -5.70 -12.59
CA PRO B 356 -3.85 -5.37 -11.18
C PRO B 356 -4.96 -4.64 -10.44
N CYS B 357 -5.87 -3.99 -11.15
CA CYS B 357 -7.00 -3.36 -10.57
C CYS B 357 -8.23 -4.29 -10.38
N SER B 358 -8.18 -5.52 -10.85
CA SER B 358 -9.24 -6.50 -10.67
C SER B 358 -8.77 -7.55 -9.69
N HIS B 359 -9.44 -7.63 -8.55
CA HIS B 359 -9.08 -8.60 -7.52
C HIS B 359 -10.30 -9.40 -7.12
N VAL B 360 -10.09 -10.72 -7.12
CA VAL B 360 -11.04 -11.67 -6.67
C VAL B 360 -10.33 -12.70 -5.80
N GLY B 361 -10.86 -12.89 -4.61
CA GLY B 361 -10.36 -13.87 -3.68
C GLY B 361 -10.93 -15.24 -3.96
N HIS B 362 -10.11 -16.27 -3.74
CA HIS B 362 -10.45 -17.62 -3.99
C HIS B 362 -10.05 -18.48 -2.79
N VAL B 363 -10.95 -19.33 -2.32
CA VAL B 363 -10.63 -20.16 -1.17
C VAL B 363 -9.84 -21.38 -1.66
N PHE B 364 -8.52 -21.29 -1.65
CA PHE B 364 -7.67 -22.44 -1.94
C PHE B 364 -7.90 -23.47 -0.84
N PRO B 365 -8.25 -24.70 -1.22
CA PRO B 365 -8.60 -25.65 -0.13
C PRO B 365 -7.36 -26.26 0.54
N LYS B 366 -7.59 -26.90 1.68
CA LYS B 366 -6.54 -27.67 2.36
C LYS B 366 -5.85 -28.73 1.50
N ARG B 367 -6.58 -29.40 0.62
CA ARG B 367 -6.02 -30.37 -0.33
C ARG B 367 -7.10 -30.51 -1.41
N ALA B 368 -6.89 -31.36 -2.43
CA ALA B 368 -7.93 -31.58 -3.47
C ALA B 368 -9.27 -31.98 -2.79
N PRO B 369 -10.38 -31.27 -3.09
CA PRO B 369 -11.66 -31.67 -2.41
C PRO B 369 -12.31 -32.96 -2.94
N TYR B 370 -11.92 -33.40 -4.12
CA TYR B 370 -12.54 -34.55 -4.82
C TYR B 370 -11.39 -35.15 -5.62
N ALA B 371 -11.59 -36.37 -6.14
CA ALA B 371 -10.51 -37.08 -6.83
C ALA B 371 -10.27 -36.43 -8.19
N ARG B 372 -9.01 -36.20 -8.54
CA ARG B 372 -8.62 -35.58 -9.82
C ARG B 372 -7.68 -36.47 -10.68
N PRO B 373 -8.16 -37.66 -11.07
CA PRO B 373 -7.27 -38.70 -11.64
C PRO B 373 -6.87 -38.50 -13.10
N ASN B 374 -7.53 -37.55 -13.79
CA ASN B 374 -7.32 -37.30 -15.23
C ASN B 374 -6.29 -36.22 -15.55
N PHE B 375 -5.67 -35.62 -14.52
CA PHE B 375 -4.68 -34.55 -14.73
C PHE B 375 -3.57 -34.93 -15.74
N LEU B 376 -2.94 -36.11 -15.63
CA LEU B 376 -1.82 -36.45 -16.51
C LEU B 376 -2.24 -36.74 -17.95
N GLN B 377 -3.39 -37.41 -18.17
CA GLN B 377 -3.94 -37.55 -19.53
C GLN B 377 -4.34 -36.21 -20.22
N ASN B 378 -5.00 -35.32 -19.46
CA ASN B 378 -5.45 -34.01 -19.98
C ASN B 378 -4.21 -33.20 -20.32
N THR B 379 -3.20 -33.31 -19.47
CA THR B 379 -1.96 -32.58 -19.62
C THR B 379 -1.25 -33.06 -20.86
N ALA B 380 -1.22 -34.38 -21.07
CA ALA B 380 -0.62 -34.96 -22.27
C ALA B 380 -1.33 -34.49 -23.54
N ARG B 381 -2.66 -34.34 -23.49
CA ARG B 381 -3.42 -33.80 -24.61
C ARG B 381 -2.97 -32.36 -24.95
N ALA B 382 -2.82 -31.54 -23.92
CA ALA B 382 -2.31 -30.17 -24.11
C ALA B 382 -0.86 -30.13 -24.70
N ALA B 383 0.03 -30.95 -24.16
CA ALA B 383 1.42 -31.00 -24.65
C ALA B 383 1.51 -31.46 -26.09
N GLU B 384 0.63 -32.41 -26.47
CA GLU B 384 0.76 -33.04 -27.77
C GLU B 384 0.30 -32.10 -28.87
N VAL B 385 -0.75 -31.34 -28.56
CA VAL B 385 -1.28 -30.42 -29.52
C VAL B 385 -0.39 -29.19 -29.69
N TRP B 386 0.18 -28.64 -28.63
CA TRP B 386 0.79 -27.25 -28.66
C TRP B 386 2.27 -27.14 -28.52
N MET B 387 2.91 -28.10 -27.84
CA MET B 387 4.30 -27.88 -27.41
C MET B 387 5.38 -28.27 -28.38
N ASP B 388 5.00 -28.87 -29.51
CA ASP B 388 5.98 -29.36 -30.52
C ASP B 388 7.08 -30.25 -29.87
N GLU B 389 8.34 -30.06 -30.22
CA GLU B 389 9.44 -30.85 -29.69
C GLU B 389 9.63 -30.69 -28.19
N TYR B 390 9.16 -29.60 -27.63
CA TYR B 390 9.44 -29.29 -26.24
C TYR B 390 8.64 -30.15 -25.24
N LYS B 391 7.61 -30.85 -25.71
CA LYS B 391 6.94 -31.86 -24.88
C LYS B 391 7.92 -32.91 -24.30
N GLU B 392 9.05 -33.13 -24.99
CA GLU B 392 10.03 -34.10 -24.55
C GLU B 392 10.59 -33.76 -23.18
N HIS B 393 10.77 -32.48 -22.88
CA HIS B 393 11.34 -32.10 -21.61
C HIS B 393 10.39 -32.45 -20.50
N PHE B 394 9.09 -32.44 -20.81
CA PHE B 394 8.06 -32.93 -19.88
C PHE B 394 8.09 -34.47 -19.73
N TYR B 395 8.06 -35.18 -20.86
CA TYR B 395 8.08 -36.65 -20.84
C TYR B 395 9.35 -37.19 -20.17
N ASN B 396 10.51 -36.62 -20.49
CA ASN B 396 11.76 -37.03 -19.83
C ASN B 396 11.70 -37.01 -18.32
N ARG B 397 11.03 -36.02 -17.76
CA ARG B 397 11.05 -35.87 -16.31
C ARG B 397 9.96 -36.75 -15.69
N ASN B 398 9.03 -37.22 -16.51
CA ASN B 398 7.92 -38.07 -16.04
C ASN B 398 7.60 -39.10 -17.13
N PRO B 399 8.51 -40.09 -17.32
CA PRO B 399 8.32 -41.09 -18.40
C PRO B 399 7.00 -41.88 -18.39
N PRO B 400 6.45 -42.25 -17.20
CA PRO B 400 5.08 -42.84 -17.21
C PRO B 400 4.01 -42.03 -17.97
N ALA B 401 4.15 -40.71 -18.04
CA ALA B 401 3.24 -39.85 -18.82
C ALA B 401 3.16 -40.23 -20.31
N ARG B 402 4.27 -40.75 -20.88
CA ARG B 402 4.29 -41.27 -22.25
CA ARG B 402 4.27 -41.25 -22.26
C ARG B 402 3.21 -42.32 -22.51
N LYS B 403 2.88 -43.09 -21.48
CA LYS B 403 1.90 -44.17 -21.59
C LYS B 403 0.46 -43.75 -21.24
N GLU B 404 0.18 -42.45 -21.00
CA GLU B 404 -1.20 -42.04 -20.75
C GLU B 404 -1.97 -42.13 -22.06
N ALA B 405 -3.21 -42.57 -21.95
CA ALA B 405 -4.11 -42.66 -23.09
C ALA B 405 -4.78 -41.30 -23.23
N TYR B 406 -4.09 -40.38 -23.90
CA TYR B 406 -4.64 -39.02 -24.07
C TYR B 406 -5.79 -38.97 -25.05
N GLY B 407 -5.85 -39.97 -25.95
CA GLY B 407 -7.00 -40.19 -26.79
C GLY B 407 -6.79 -39.55 -28.14
N ASP B 408 -7.94 -39.26 -28.75
CA ASP B 408 -8.02 -38.66 -30.04
C ASP B 408 -7.94 -37.12 -29.92
N ILE B 409 -6.88 -36.54 -30.49
CA ILE B 409 -6.63 -35.08 -30.55
C ILE B 409 -6.66 -34.53 -31.98
N SER B 410 -7.17 -35.32 -32.93
CA SER B 410 -7.14 -34.95 -34.34
CA SER B 410 -7.19 -34.95 -34.35
C SER B 410 -7.82 -33.60 -34.58
N GLU B 411 -9.02 -33.43 -34.02
CA GLU B 411 -9.78 -32.19 -34.11
C GLU B 411 -9.05 -30.96 -33.51
N ARG B 412 -8.31 -31.17 -32.41
CA ARG B 412 -7.46 -30.10 -31.85
C ARG B 412 -6.30 -29.76 -32.78
N LYS B 413 -5.68 -30.76 -33.38
CA LYS B 413 -4.59 -30.47 -34.35
C LYS B 413 -5.08 -29.74 -35.59
N LEU B 414 -6.30 -30.07 -36.03
CA LEU B 414 -6.95 -29.37 -37.15
C LEU B 414 -7.20 -27.91 -36.78
N LEU B 415 -7.74 -27.67 -35.57
CA LEU B 415 -7.95 -26.33 -35.07
C LEU B 415 -6.67 -25.51 -35.12
N ARG B 416 -5.58 -26.07 -34.63
CA ARG B 416 -4.32 -25.34 -34.64
C ARG B 416 -3.91 -24.87 -36.05
N GLU B 417 -4.20 -25.68 -37.05
CA GLU B 417 -3.85 -25.35 -38.46
C GLU B 417 -4.81 -24.33 -39.03
N ARG B 418 -6.11 -24.49 -38.79
CA ARG B 418 -7.10 -23.49 -39.22
C ARG B 418 -6.74 -22.08 -38.71
N LEU B 419 -6.38 -21.99 -37.43
CA LEU B 419 -6.03 -20.73 -36.79
C LEU B 419 -4.66 -20.19 -37.14
N ARG B 420 -3.85 -20.97 -37.82
CA ARG B 420 -2.51 -20.55 -38.25
C ARG B 420 -1.65 -20.10 -37.08
N CYS B 421 -1.64 -20.92 -36.04
CA CYS B 421 -0.95 -20.57 -34.81
C CYS B 421 0.54 -20.65 -35.01
N LYS B 422 1.29 -19.94 -34.20
CA LYS B 422 2.73 -19.99 -34.19
C LYS B 422 3.25 -21.13 -33.36
N SER B 423 4.56 -21.33 -33.42
CA SER B 423 5.21 -22.49 -32.81
C SER B 423 5.43 -22.29 -31.30
N PHE B 424 5.69 -23.39 -30.60
CA PHE B 424 6.03 -23.34 -29.19
C PHE B 424 7.37 -22.68 -28.98
N ASP B 425 8.25 -22.79 -29.96
CA ASP B 425 9.51 -22.06 -29.93
C ASP B 425 9.29 -20.55 -29.89
N TRP B 426 8.41 -20.07 -30.76
CA TRP B 426 7.98 -18.68 -30.72
C TRP B 426 7.46 -18.30 -29.32
N TYR B 427 6.60 -19.15 -28.76
CA TYR B 427 6.02 -18.89 -27.44
C TYR B 427 7.09 -18.71 -26.38
N LEU B 428 8.04 -19.62 -26.30
CA LEU B 428 9.05 -19.54 -25.29
C LEU B 428 9.88 -18.30 -25.48
N LYS B 429 10.27 -18.02 -26.72
CA LYS B 429 11.09 -16.85 -27.02
C LYS B 429 10.39 -15.53 -26.75
N ASN B 430 9.09 -15.43 -27.08
CA ASN B 430 8.41 -14.13 -27.05
C ASN B 430 7.49 -13.91 -25.86
N VAL B 431 6.92 -14.99 -25.31
CA VAL B 431 5.97 -14.88 -24.19
C VAL B 431 6.64 -15.27 -22.88
N PHE B 432 7.44 -16.34 -22.87
CA PHE B 432 8.03 -16.83 -21.62
C PHE B 432 9.54 -16.97 -21.66
N PRO B 433 10.27 -15.93 -22.05
CA PRO B 433 11.74 -16.08 -22.19
C PRO B 433 12.51 -16.26 -20.90
N ASN B 434 11.88 -16.01 -19.77
CA ASN B 434 12.50 -16.23 -18.47
C ASN B 434 12.45 -17.66 -17.97
N LEU B 435 11.72 -18.53 -18.67
CA LEU B 435 11.73 -19.93 -18.29
C LEU B 435 12.99 -20.60 -18.81
N HIS B 436 13.82 -21.12 -17.90
CA HIS B 436 14.96 -21.97 -18.28
C HIS B 436 14.42 -23.20 -19.02
N VAL B 437 14.85 -23.39 -20.25
CA VAL B 437 14.49 -24.56 -21.05
C VAL B 437 15.68 -25.54 -20.91
N PRO B 438 15.42 -26.75 -20.40
CA PRO B 438 16.55 -27.68 -20.32
C PRO B 438 17.10 -28.03 -21.70
N GLU B 439 18.39 -28.33 -21.76
CA GLU B 439 19.01 -28.86 -22.98
C GLU B 439 18.60 -30.32 -23.25
N ASP B 440 18.67 -31.17 -22.21
CA ASP B 440 18.45 -32.58 -22.37
C ASP B 440 19.22 -33.14 -23.59
N ARG B 441 20.54 -32.90 -23.61
CA ARG B 441 21.39 -33.40 -24.70
C ARG B 441 21.38 -34.94 -24.72
N PRO B 442 21.28 -35.57 -25.92
CA PRO B 442 21.27 -37.05 -26.02
C PRO B 442 22.44 -37.72 -25.25
N GLY B 443 22.12 -38.66 -24.37
CA GLY B 443 23.09 -39.33 -23.54
C GLY B 443 23.54 -38.60 -22.29
N TRP B 444 22.98 -37.41 -22.01
CA TRP B 444 23.36 -36.60 -20.82
C TRP B 444 22.18 -36.21 -19.92
N HIS B 445 21.14 -37.03 -19.95
CA HIS B 445 19.98 -36.87 -19.08
C HIS B 445 19.23 -38.19 -18.85
N GLY B 446 18.63 -38.32 -17.68
CA GLY B 446 17.80 -39.48 -17.32
C GLY B 446 18.14 -39.88 -15.91
N ALA B 447 18.13 -41.19 -15.64
CA ALA B 447 18.71 -41.75 -14.39
C ALA B 447 20.22 -42.01 -14.53
N ILE B 448 20.94 -41.90 -13.43
CA ILE B 448 22.37 -42.25 -13.41
C ILE B 448 22.57 -43.52 -12.56
N ARG B 449 23.02 -44.59 -13.22
CA ARG B 449 23.19 -45.92 -12.60
C ARG B 449 24.64 -46.18 -12.18
N SER B 450 24.81 -46.75 -10.98
CA SER B 450 26.13 -47.19 -10.51
C SER B 450 26.62 -48.43 -11.26
N ARG B 451 27.94 -48.56 -11.42
CA ARG B 451 28.57 -49.81 -11.88
C ARG B 451 28.79 -50.73 -10.66
N GLY B 452 29.34 -50.15 -9.60
CA GLY B 452 29.61 -50.88 -8.35
C GLY B 452 28.42 -51.60 -7.74
N ILE B 453 27.30 -50.88 -7.59
CA ILE B 453 26.05 -51.41 -7.06
C ILE B 453 24.98 -51.26 -8.15
N SER B 454 25.09 -52.11 -9.15
CA SER B 454 24.42 -51.90 -10.44
C SER B 454 22.89 -52.10 -10.47
N SER B 455 22.25 -52.32 -9.32
CA SER B 455 20.80 -52.17 -9.20
C SER B 455 20.35 -50.73 -8.82
N GLU B 456 21.30 -49.89 -8.38
CA GLU B 456 21.01 -48.63 -7.70
C GLU B 456 21.30 -47.38 -8.59
N CYS B 457 20.30 -46.49 -8.65
CA CYS B 457 20.42 -45.21 -9.37
C CYS B 457 20.58 -44.03 -8.41
N LEU B 458 21.29 -43.00 -8.84
CA LEU B 458 21.32 -41.71 -8.12
C LEU B 458 19.90 -41.20 -7.88
N ASP B 459 19.67 -40.79 -6.64
CA ASP B 459 18.33 -40.52 -6.11
C ASP B 459 18.46 -39.41 -5.08
N TYR B 460 17.68 -38.35 -5.26
CA TYR B 460 17.67 -37.21 -4.36
C TYR B 460 16.23 -37.04 -3.93
N ASN B 461 16.02 -37.05 -2.63
CA ASN B 461 14.69 -37.15 -2.05
C ASN B 461 14.58 -36.23 -0.86
N SER B 462 14.13 -35.02 -1.10
CA SER B 462 14.05 -34.06 0.03
C SER B 462 12.61 -33.87 0.45
N PRO B 463 12.36 -33.19 1.58
CA PRO B 463 11.02 -32.91 2.04
C PRO B 463 10.34 -31.97 1.03
N ASP B 464 9.04 -32.12 0.84
CA ASP B 464 8.28 -31.28 -0.12
C ASP B 464 8.50 -29.80 0.17
N ASN B 465 8.45 -29.39 1.44
CA ASN B 465 8.64 -27.95 1.80
C ASN B 465 10.12 -27.59 1.95
N ASN B 466 11.02 -28.53 1.76
CA ASN B 466 12.45 -28.17 1.86
C ASN B 466 13.15 -28.87 0.71
N PRO B 467 13.24 -28.24 -0.48
CA PRO B 467 13.81 -28.87 -1.66
C PRO B 467 15.33 -29.09 -1.65
N THR B 468 16.01 -28.48 -0.70
CA THR B 468 17.47 -28.41 -0.58
C THR B 468 17.90 -29.15 0.69
N GLY B 469 16.95 -29.70 1.44
CA GLY B 469 17.19 -30.33 2.74
C GLY B 469 17.93 -31.65 2.73
N ALA B 470 17.70 -32.50 1.73
CA ALA B 470 18.36 -33.80 1.68
C ALA B 470 19.81 -33.78 1.14
N ASN B 471 20.48 -34.94 1.26
CA ASN B 471 21.76 -35.23 0.62
C ASN B 471 21.50 -36.23 -0.47
N LEU B 472 22.36 -36.19 -1.49
CA LEU B 472 22.25 -37.11 -2.60
C LEU B 472 22.54 -38.53 -2.11
N SER B 473 21.90 -39.52 -2.73
CA SER B 473 21.96 -40.91 -2.27
C SER B 473 21.74 -41.90 -3.41
N LEU B 474 21.47 -43.16 -3.05
CA LEU B 474 21.13 -44.20 -4.03
C LEU B 474 19.78 -44.77 -3.68
N PHE B 475 19.12 -45.33 -4.67
CA PHE B 475 17.83 -46.03 -4.50
C PHE B 475 17.65 -46.89 -5.74
N GLY B 476 16.77 -47.90 -5.64
CA GLY B 476 16.57 -48.86 -6.71
C GLY B 476 16.03 -48.20 -7.96
N CYS B 477 16.81 -48.26 -9.05
CA CYS B 477 16.40 -47.75 -10.36
C CYS B 477 14.97 -48.14 -10.73
N HIS B 478 14.10 -47.16 -10.96
CA HIS B 478 12.69 -47.41 -11.32
C HIS B 478 12.27 -46.99 -12.73
N GLY B 479 13.09 -46.19 -13.43
CA GLY B 479 12.72 -45.71 -14.78
C GLY B 479 11.49 -44.79 -14.86
N GLN B 480 11.15 -44.18 -13.73
CA GLN B 480 9.97 -43.34 -13.54
C GLN B 480 10.33 -41.85 -13.41
N GLY B 481 11.61 -41.49 -13.61
CA GLY B 481 12.08 -40.12 -13.53
C GLY B 481 12.03 -39.61 -12.10
N GLY B 482 11.39 -38.44 -11.90
CA GLY B 482 11.17 -37.89 -10.57
C GLY B 482 12.47 -37.68 -9.82
N ASN B 483 12.56 -38.26 -8.64
CA ASN B 483 13.80 -38.23 -7.83
C ASN B 483 15.09 -38.90 -8.43
N GLN B 484 14.95 -39.63 -9.54
CA GLN B 484 16.09 -40.16 -10.29
C GLN B 484 16.34 -39.50 -11.64
N PHE B 485 15.66 -38.37 -11.93
CA PHE B 485 15.97 -37.61 -13.15
C PHE B 485 17.11 -36.61 -12.91
N PHE B 486 18.10 -36.65 -13.81
CA PHE B 486 19.23 -35.72 -13.77
C PHE B 486 19.62 -35.28 -15.17
N GLU B 487 20.27 -34.13 -15.22
CA GLU B 487 20.68 -33.51 -16.47
C GLU B 487 22.09 -32.97 -16.29
N TYR B 488 22.96 -33.36 -17.20
CA TYR B 488 24.33 -32.85 -17.22
C TYR B 488 24.37 -31.79 -18.28
N THR B 489 24.88 -30.65 -17.89
CA THR B 489 24.63 -29.45 -18.63
C THR B 489 25.93 -29.03 -19.35
N SER B 490 25.79 -28.37 -20.51
CA SER B 490 26.91 -27.76 -21.24
C SER B 490 27.82 -26.90 -20.38
N ASN B 491 27.25 -26.26 -19.36
CA ASN B 491 28.03 -25.59 -18.31
C ASN B 491 28.49 -26.48 -17.16
N LYS B 492 28.47 -27.80 -17.35
CA LYS B 492 29.06 -28.77 -16.40
C LYS B 492 28.32 -28.82 -15.05
N GLU B 493 27.01 -28.64 -15.10
CA GLU B 493 26.18 -28.70 -13.90
C GLU B 493 25.45 -30.04 -13.94
N ILE B 494 25.28 -30.61 -12.75
CA ILE B 494 24.41 -31.76 -12.58
C ILE B 494 23.12 -31.22 -11.97
N ARG B 495 22.09 -31.18 -12.82
CA ARG B 495 20.82 -30.56 -12.47
C ARG B 495 19.81 -31.62 -12.10
N PHE B 496 19.24 -31.44 -10.93
CA PHE B 496 18.11 -32.21 -10.48
C PHE B 496 16.86 -31.33 -10.76
N ASN B 497 16.37 -31.36 -11.98
CA ASN B 497 15.38 -30.39 -12.44
C ASN B 497 14.08 -31.03 -12.93
N SER B 498 13.60 -32.02 -12.18
CA SER B 498 12.26 -32.59 -12.36
C SER B 498 11.17 -31.60 -12.00
N VAL B 499 11.44 -30.82 -10.95
CA VAL B 499 10.49 -29.91 -10.33
C VAL B 499 10.93 -28.43 -10.49
N THR B 500 12.10 -28.08 -9.94
CA THR B 500 12.71 -26.77 -10.11
C THR B 500 14.18 -26.95 -10.55
N GLU B 501 14.84 -25.85 -10.88
CA GLU B 501 16.23 -25.89 -11.32
C GLU B 501 17.18 -25.94 -10.13
N LEU B 502 17.44 -27.16 -9.68
CA LEU B 502 18.41 -27.40 -8.60
C LEU B 502 19.69 -27.98 -9.19
N CYS B 503 20.81 -27.62 -8.59
CA CYS B 503 22.13 -27.94 -9.08
C CYS B 503 22.91 -28.68 -7.97
N ALA B 504 23.57 -29.79 -8.32
CA ALA B 504 24.35 -30.58 -7.35
C ALA B 504 25.58 -29.84 -6.87
N GLU B 505 25.75 -29.73 -5.55
CA GLU B 505 26.94 -29.09 -4.97
C GLU B 505 27.65 -29.99 -3.94
N VAL B 506 28.96 -29.81 -3.86
CA VAL B 506 29.72 -30.30 -2.72
C VAL B 506 30.03 -29.06 -1.89
N PRO B 507 29.50 -28.96 -0.67
CA PRO B 507 29.80 -27.84 0.22
C PRO B 507 31.28 -27.68 0.50
N GLU B 508 31.67 -26.54 1.08
CA GLU B 508 33.08 -26.24 1.40
C GLU B 508 33.51 -27.10 2.59
N GLN B 509 34.62 -27.82 2.42
CA GLN B 509 35.28 -28.69 3.44
C GLN B 509 34.45 -29.93 3.77
N LYS B 510 33.48 -30.31 2.94
CA LYS B 510 32.66 -31.50 3.27
C LYS B 510 32.78 -32.54 2.16
N ASN B 511 32.16 -33.71 2.37
CA ASN B 511 32.25 -34.81 1.39
C ASN B 511 30.90 -35.49 1.03
N TYR B 512 29.78 -34.89 1.46
CA TYR B 512 28.45 -35.27 0.95
C TYR B 512 28.04 -34.32 -0.18
N VAL B 513 27.02 -34.69 -0.95
CA VAL B 513 26.55 -33.94 -2.11
C VAL B 513 25.14 -33.39 -1.83
N GLY B 514 25.01 -32.07 -1.86
CA GLY B 514 23.74 -31.37 -1.68
C GLY B 514 23.18 -30.78 -2.96
N MET B 515 22.13 -29.97 -2.83
CA MET B 515 21.54 -29.18 -3.92
C MET B 515 21.42 -27.72 -3.54
N GLN B 516 21.65 -26.84 -4.50
CA GLN B 516 21.27 -25.43 -4.36
C GLN B 516 20.60 -24.96 -5.64
N ASN B 517 19.94 -23.80 -5.53
CA ASN B 517 19.31 -23.19 -6.70
C ASN B 517 20.36 -22.96 -7.75
N CYS B 518 20.10 -23.44 -8.95
CA CYS B 518 21.02 -23.22 -10.06
C CYS B 518 21.22 -21.71 -10.28
N PRO B 519 22.35 -21.30 -10.89
CA PRO B 519 22.41 -19.90 -11.27
C PRO B 519 21.38 -19.58 -12.39
N LYS B 520 20.95 -18.31 -12.46
CA LYS B 520 20.04 -17.83 -13.53
C LYS B 520 20.79 -17.87 -14.84
N ASP B 521 20.08 -18.02 -15.94
CA ASP B 521 20.71 -18.09 -17.25
C ASP B 521 21.66 -16.89 -17.42
N GLY B 522 22.91 -17.15 -17.84
CA GLY B 522 23.94 -16.10 -18.06
C GLY B 522 24.76 -15.66 -16.87
N PHE B 523 24.38 -16.07 -15.67
CA PHE B 523 25.05 -15.62 -14.45
C PHE B 523 26.21 -16.58 -14.09
N PRO B 524 27.12 -16.15 -13.18
CA PRO B 524 28.26 -17.01 -12.86
C PRO B 524 27.91 -18.39 -12.28
N VAL B 525 28.62 -19.41 -12.77
CA VAL B 525 28.45 -20.79 -12.30
C VAL B 525 29.41 -20.99 -11.12
N PRO B 526 28.87 -21.11 -9.88
CA PRO B 526 29.83 -21.26 -8.76
C PRO B 526 30.74 -22.52 -8.91
N ALA B 527 31.96 -22.41 -8.39
CA ALA B 527 32.98 -23.46 -8.51
C ALA B 527 32.47 -24.81 -8.02
N ASN B 528 31.90 -24.79 -6.81
CA ASN B 528 31.40 -25.98 -6.14
C ASN B 528 30.13 -26.65 -6.71
N ILE B 529 29.67 -26.26 -7.91
CA ILE B 529 28.62 -27.00 -8.63
C ILE B 529 29.07 -27.44 -10.02
N ILE B 530 30.38 -27.37 -10.27
CA ILE B 530 30.98 -27.81 -11.54
C ILE B 530 31.33 -29.31 -11.43
N TRP B 531 31.00 -30.08 -12.46
CA TRP B 531 31.24 -31.54 -12.48
C TRP B 531 31.84 -31.94 -13.81
N HIS B 532 32.88 -32.79 -13.73
CA HIS B 532 33.51 -33.41 -14.89
C HIS B 532 33.04 -34.85 -14.96
N PHE B 533 32.43 -35.21 -16.08
CA PHE B 533 31.76 -36.48 -16.26
C PHE B 533 32.57 -37.23 -17.32
N LYS B 534 33.56 -37.99 -16.86
CA LYS B 534 34.70 -38.40 -17.73
C LYS B 534 34.37 -39.48 -18.76
N GLU B 535 35.32 -39.67 -19.67
CA GLU B 535 35.25 -40.74 -20.66
C GLU B 535 35.01 -42.09 -19.98
N ASP B 536 35.85 -42.39 -19.00
CA ASP B 536 35.79 -43.69 -18.30
C ASP B 536 34.49 -44.04 -17.57
N GLY B 537 33.83 -43.01 -17.05
CA GLY B 537 32.63 -43.11 -16.27
C GLY B 537 32.72 -42.42 -14.91
N THR B 538 33.88 -41.86 -14.57
CA THR B 538 34.11 -41.14 -13.33
C THR B 538 33.33 -39.81 -13.31
N ILE B 539 32.81 -39.45 -12.13
CA ILE B 539 32.22 -38.15 -11.90
C ILE B 539 33.11 -37.36 -10.94
N PHE B 540 33.91 -36.46 -11.53
CA PHE B 540 34.96 -35.72 -10.85
C PHE B 540 34.46 -34.33 -10.45
N HIS B 541 34.83 -33.87 -9.26
CA HIS B 541 34.46 -32.55 -8.74
C HIS B 541 35.68 -31.64 -8.44
N PRO B 542 36.13 -30.84 -9.44
CA PRO B 542 37.34 -30.02 -9.30
C PRO B 542 37.50 -29.21 -8.01
N HIS B 543 36.45 -28.55 -7.53
CA HIS B 543 36.63 -27.66 -6.38
C HIS B 543 37.12 -28.39 -5.12
N SER B 544 36.49 -29.51 -4.79
CA SER B 544 36.92 -30.37 -3.69
C SER B 544 38.10 -31.26 -4.12
N GLY B 545 38.14 -31.66 -5.39
CA GLY B 545 39.17 -32.56 -5.92
C GLY B 545 38.80 -34.05 -5.86
N LEU B 546 37.75 -34.37 -5.12
CA LEU B 546 37.30 -35.75 -4.87
C LEU B 546 36.41 -36.24 -6.01
N CYS B 547 36.11 -37.55 -6.01
CA CYS B 547 35.21 -38.18 -6.98
C CYS B 547 33.99 -38.80 -6.30
N LEU B 548 32.95 -39.02 -7.09
CA LEU B 548 31.66 -39.49 -6.59
C LEU B 548 31.68 -41.02 -6.52
N SER B 549 31.55 -41.56 -5.31
CA SER B 549 31.72 -43.02 -5.08
C SER B 549 30.50 -43.64 -4.42
N ALA B 550 29.98 -44.70 -5.05
CA ALA B 550 29.00 -45.59 -4.41
C ALA B 550 29.64 -46.38 -3.23
N TYR B 551 28.89 -46.56 -2.15
CA TYR B 551 29.37 -47.31 -0.98
C TYR B 551 28.19 -47.88 -0.18
N ARG B 552 28.49 -48.64 0.89
CA ARG B 552 27.46 -49.16 1.82
C ARG B 552 27.73 -48.66 3.22
N THR B 553 26.67 -48.22 3.91
CA THR B 553 26.78 -47.72 5.29
C THR B 553 26.99 -48.90 6.24
N PRO B 554 27.29 -48.64 7.53
CA PRO B 554 27.23 -49.68 8.55
C PRO B 554 26.19 -50.77 8.30
N GLU B 555 24.95 -50.37 8.06
CA GLU B 555 23.82 -51.30 8.02
C GLU B 555 23.56 -51.93 6.63
N GLY B 556 24.38 -51.61 5.64
CA GLY B 556 24.23 -52.15 4.28
C GLY B 556 23.30 -51.40 3.33
N ARG B 557 22.95 -50.14 3.66
CA ARG B 557 22.12 -49.30 2.75
C ARG B 557 23.04 -48.72 1.69
N PRO B 558 22.66 -48.85 0.41
CA PRO B 558 23.44 -48.19 -0.64
C PRO B 558 23.35 -46.65 -0.55
N ASP B 559 24.45 -45.98 -0.84
CA ASP B 559 24.57 -44.54 -0.62
C ASP B 559 25.79 -44.03 -1.39
N VAL B 560 25.96 -42.71 -1.46
CA VAL B 560 27.12 -42.11 -2.12
C VAL B 560 27.86 -41.13 -1.24
N GLN B 561 29.10 -40.89 -1.66
CA GLN B 561 30.01 -40.03 -0.95
C GLN B 561 31.11 -39.57 -1.88
N MET B 562 31.73 -38.44 -1.51
CA MET B 562 32.90 -37.94 -2.20
C MET B 562 34.15 -38.55 -1.54
N ARG B 563 34.91 -39.32 -2.33
CA ARG B 563 36.11 -40.04 -1.87
C ARG B 563 37.26 -39.69 -2.79
N THR B 564 38.50 -39.86 -2.32
CA THR B 564 39.70 -39.63 -3.15
C THR B 564 39.61 -40.48 -4.45
N CYS B 565 39.87 -39.84 -5.59
CA CYS B 565 39.58 -40.44 -6.90
C CYS B 565 40.39 -41.73 -7.14
N ASP B 566 39.81 -42.64 -7.92
CA ASP B 566 40.44 -43.96 -8.17
C ASP B 566 39.63 -44.66 -9.26
N ALA B 567 40.13 -44.66 -10.49
CA ALA B 567 39.42 -45.25 -11.65
C ALA B 567 39.25 -46.76 -11.56
N LEU B 568 40.08 -47.46 -10.76
CA LEU B 568 39.94 -48.93 -10.63
C LEU B 568 38.66 -49.26 -9.85
N ASP B 569 38.39 -48.51 -8.77
CA ASP B 569 37.19 -48.68 -7.92
C ASP B 569 35.93 -48.53 -8.77
N LYS B 570 35.25 -49.63 -9.07
CA LYS B 570 34.08 -49.60 -9.98
C LYS B 570 32.79 -48.94 -9.41
N ASN B 571 32.75 -48.74 -8.09
CA ASN B 571 31.76 -47.86 -7.44
C ASN B 571 31.71 -46.44 -8.01
N GLN B 572 32.91 -45.86 -8.19
CA GLN B 572 33.09 -44.52 -8.78
C GLN B 572 32.78 -44.37 -10.28
N ILE B 573 32.37 -45.44 -10.95
CA ILE B 573 32.01 -45.42 -12.36
C ILE B 573 30.47 -45.39 -12.45
N TRP B 574 29.96 -44.60 -13.41
CA TRP B 574 28.53 -44.29 -13.52
C TRP B 574 28.05 -44.19 -14.97
N SER B 575 26.74 -44.29 -15.16
CA SER B 575 26.18 -44.39 -16.50
C SER B 575 24.77 -43.78 -16.64
N PHE B 576 24.57 -42.95 -17.67
CA PHE B 576 23.27 -42.33 -17.98
C PHE B 576 22.37 -43.28 -18.76
N GLU B 577 21.05 -43.16 -18.54
CA GLU B 577 20.06 -44.17 -18.98
C GLU B 577 18.70 -43.65 -19.41
N LYS B 578 18.16 -44.24 -20.48
CA LYS B 578 16.92 -43.78 -21.08
C LYS B 578 16.18 -44.96 -21.73
N ALA C 2 5.97 -47.53 -6.23
CA ALA C 2 5.72 -46.20 -6.86
C ALA C 2 6.54 -45.10 -6.19
N THR C 3 6.21 -44.86 -4.92
CA THR C 3 6.78 -43.77 -4.07
C THR C 3 6.54 -42.32 -4.53
N GLY C 4 6.79 -42.03 -5.81
CA GLY C 4 6.72 -40.68 -6.35
C GLY C 4 5.28 -40.29 -6.66
N ALA C 5 4.92 -39.06 -6.28
CA ALA C 5 3.56 -38.54 -6.40
C ALA C 5 2.50 -39.44 -5.72
N GLY C 6 1.52 -39.94 -6.47
CA GLY C 6 0.27 -40.47 -5.91
C GLY C 6 -0.86 -39.77 -6.63
N ALA C 7 -1.18 -40.28 -7.83
CA ALA C 7 -2.12 -39.65 -8.77
C ALA C 7 -3.49 -39.32 -8.16
N GLY C 8 -4.15 -38.32 -8.74
CA GLY C 8 -5.51 -37.96 -8.34
C GLY C 8 -5.64 -36.98 -7.18
N ALA C 9 -4.51 -36.46 -6.68
CA ALA C 9 -4.49 -35.50 -5.57
C ALA C 9 -3.95 -34.11 -6.02
N GLY C 10 -3.86 -33.88 -7.35
CA GLY C 10 -3.28 -32.63 -7.88
C GLY C 10 -4.01 -31.41 -7.31
N THR C 11 -3.29 -30.30 -7.12
CA THR C 11 -3.87 -29.01 -6.70
C THR C 11 -3.33 -27.88 -7.57
N THR C 12 -4.03 -26.74 -7.52
CA THR C 12 -3.55 -25.50 -8.17
C THR C 12 -3.00 -24.66 -7.02
N PRO C 13 -1.69 -24.28 -7.07
CA PRO C 13 -1.09 -23.56 -5.93
C PRO C 13 -1.58 -22.09 -5.79
N GLY C 14 -1.67 -21.61 -4.55
CA GLY C 14 -2.05 -20.22 -4.27
C GLY C 14 -0.83 -19.32 -4.45
N PRO C 15 -1.05 -17.99 -4.64
CA PRO C 15 0.07 -17.09 -4.91
C PRO C 15 1.06 -16.89 -3.76
N GLY C 16 0.67 -17.15 -2.52
CA GLY C 16 1.53 -16.84 -1.35
C GLY C 16 2.79 -17.70 -1.24
C1 EDO D . 14.40 28.29 0.61
O1 EDO D . 15.50 27.67 1.22
C2 EDO D . 14.64 28.10 -0.89
O2 EDO D . 14.48 29.40 -1.47
C1 EDO E . 3.59 -0.74 -0.89
O1 EDO E . 2.92 -1.87 -1.43
C2 EDO E . 2.84 -0.32 0.34
O2 EDO E . 1.71 0.45 -0.12
C1 EDO F . 9.35 10.64 31.24
O1 EDO F . 10.06 9.72 30.43
C2 EDO F . 7.92 10.66 30.71
O2 EDO F . 7.92 11.32 29.43
C1 EDO G . -1.53 1.29 13.87
O1 EDO G . -1.49 2.26 14.95
C2 EDO G . -2.88 0.59 13.87
O2 EDO G . -3.11 0.08 15.20
C1 EDO H . 25.09 12.27 28.57
O1 EDO H . 26.34 12.93 28.76
C2 EDO H . 25.04 11.74 27.15
O2 EDO H . 25.89 10.60 27.05
C1 EDO I . 17.15 2.62 16.78
O1 EDO I . 17.95 3.77 16.46
C2 EDO I . 16.98 1.68 15.60
O2 EDO I . 16.50 2.39 14.47
C1 EDO J . 8.37 3.05 -1.75
O1 EDO J . 8.56 2.01 -2.73
C2 EDO J . 7.36 4.11 -2.16
O2 EDO J . 7.40 4.44 -3.54
C1 EDO K . -9.98 4.21 9.95
O1 EDO K . -10.24 5.12 11.03
C2 EDO K . -9.74 4.96 8.64
O2 EDO K . -8.95 4.21 7.69
C1 EDO L . 16.88 31.53 22.78
O1 EDO L . 17.76 31.15 23.86
C2 EDO L . 16.03 32.75 23.14
O2 EDO L . 14.80 32.71 22.39
C1 EDO M . -8.86 20.11 18.80
O1 EDO M . -8.05 19.36 19.70
C2 EDO M . -8.40 21.56 18.66
O2 EDO M . -9.56 22.30 18.27
C1 EDO N . 11.28 21.30 -12.96
O1 EDO N . 12.61 20.74 -12.99
C2 EDO N . 10.40 20.70 -11.84
O2 EDO N . 9.52 21.68 -11.23
C1 EDO O . 8.15 14.94 -7.97
O1 EDO O . 8.77 13.66 -7.76
C2 EDO O . 8.82 15.31 -9.22
O2 EDO O . 9.37 14.14 -9.70
C1 EDO P . 10.27 23.17 10.23
O1 EDO P . 10.37 22.46 9.01
C2 EDO P . 9.13 24.16 10.10
O2 EDO P . 9.06 24.61 8.74
C1 EDO Q . 18.77 23.07 -13.93
O1 EDO Q . 19.37 21.77 -13.80
C2 EDO Q . 17.70 23.22 -12.86
O2 EDO Q . 17.38 24.61 -12.71
C1 EDO R . 20.99 1.35 -2.23
O1 EDO R . 22.14 0.90 -1.50
C2 EDO R . 20.94 2.87 -2.34
O2 EDO R . 21.80 3.25 -3.43
C1 EDO S . 5.18 22.06 19.54
O1 EDO S . 4.99 21.49 20.84
C2 EDO S . 6.61 21.75 19.05
O2 EDO S . 6.63 20.41 18.55
C1 EDO T . -9.78 7.47 -3.82
O1 EDO T . -10.48 6.27 -3.49
C2 EDO T . -10.67 8.66 -3.55
O2 EDO T . -10.59 9.10 -2.20
C1 EDO U . -9.20 8.14 7.35
O1 EDO U . -9.13 7.78 5.97
C2 EDO U . -10.57 7.78 7.91
O2 EDO U . -10.56 7.92 9.34
MN MN V . -11.15 -23.41 -7.08
N1 UDP W . -16.06 -28.10 -10.97
C2 UDP W . -17.13 -28.67 -11.70
N3 UDP W . -17.07 -29.96 -12.05
C4 UDP W . -16.03 -30.71 -11.71
C5 UDP W . -14.92 -30.20 -11.02
C6 UDP W . -14.97 -28.86 -10.65
O2 UDP W . -18.12 -27.98 -12.05
O4 UDP W . -16.01 -31.90 -12.05
C1' UDP W . -16.08 -26.64 -10.67
C2' UDP W . -15.77 -26.25 -9.21
O2' UDP W . -16.93 -26.43 -8.38
C3' UDP W . -15.23 -24.81 -9.36
C4' UDP W . -14.51 -24.87 -10.71
O4' UDP W . -15.09 -25.93 -11.53
O3' UDP W . -16.25 -23.77 -9.37
C5' UDP W . -13.02 -25.16 -10.57
O5' UDP W . -12.77 -26.41 -9.86
PA UDP W . -11.89 -26.32 -8.51
O1A UDP W . -12.34 -25.07 -7.79
O2A UDP W . -12.24 -27.61 -7.80
O3A UDP W . -10.42 -26.17 -9.13
PB UDP W . -9.15 -25.50 -8.35
O1B UDP W . -9.42 -24.06 -8.31
O2B UDP W . -8.01 -25.91 -9.32
O3B UDP W . -9.04 -26.16 -6.96
C1 EDO X . -7.44 -20.92 -8.60
O1 EDO X . -7.36 -22.37 -8.47
C2 EDO X . -8.47 -20.56 -9.68
O2 EDO X . -8.08 -21.06 -10.98
C1 EDO Y . -11.35 -1.58 8.96
O1 EDO Y . -11.77 -0.70 10.01
C2 EDO Y . -11.65 -0.90 7.63
O2 EDO Y . -10.75 -1.41 6.67
C1 EDO Z . -34.04 -21.64 -12.88
O1 EDO Z . -32.86 -20.81 -12.69
C2 EDO Z . -34.22 -21.96 -14.37
O2 EDO Z . -33.02 -21.65 -15.10
C1 EDO AA . -22.79 -7.75 6.17
O1 EDO AA . -22.73 -7.81 7.61
C2 EDO AA . -22.50 -6.31 5.70
O2 EDO AA . -21.11 -6.13 5.36
C1 EDO BA . -9.88 -30.54 11.35
O1 EDO BA . -8.49 -30.31 11.23
C2 EDO BA . -10.12 -32.04 11.15
O2 EDO BA . -10.19 -32.40 9.75
C1 EDO CA . -27.93 -5.80 -18.44
O1 EDO CA . -28.76 -4.74 -18.96
C2 EDO CA . -26.96 -6.17 -19.52
O2 EDO CA . -27.65 -6.67 -20.67
C1 EDO DA . -33.90 -14.94 0.39
O1 EDO DA . -34.10 -15.90 1.43
C2 EDO DA . -32.82 -15.52 -0.50
O2 EDO DA . -33.18 -15.36 -1.85
C1 EDO EA . 11.20 -15.16 -12.71
O1 EDO EA . 10.21 -15.42 -13.70
C2 EDO EA . 11.51 -13.67 -12.77
O2 EDO EA . 11.28 -13.15 -14.09
C1 EDO FA . -12.98 -27.70 -32.27
O1 EDO FA . -12.01 -28.66 -31.81
C2 EDO FA . -13.24 -26.78 -31.09
O2 EDO FA . -14.44 -26.06 -31.23
C1 EDO GA . -18.61 -20.89 -26.02
O1 EDO GA . -19.44 -22.04 -26.26
C2 EDO GA . -19.52 -19.67 -26.08
O2 EDO GA . -20.71 -20.32 -26.62
C1 EDO HA . 3.57 -11.55 -28.17
O1 EDO HA . 4.55 -10.76 -27.49
C2 EDO HA . 2.37 -10.68 -28.55
O2 EDO HA . 1.44 -11.37 -29.43
C1 EDO IA . -3.62 -22.47 8.94
O1 EDO IA . -3.48 -23.53 7.98
C2 EDO IA . -4.11 -21.23 8.19
O2 EDO IA . -4.04 -21.53 6.79
C1 EDO JA . -0.43 -10.46 1.37
O1 EDO JA . -0.04 -11.59 2.17
C2 EDO JA . -0.69 -10.91 -0.06
O2 EDO JA . 0.43 -10.55 -0.86
C1 EDO KA . 9.77 -18.15 -13.63
O1 EDO KA . 11.06 -17.90 -14.20
C2 EDO KA . 9.49 -19.63 -13.63
O2 EDO KA . 10.53 -20.25 -14.41
C1 EDO LA . -0.43 -2.04 -23.69
O1 EDO LA . -0.45 -3.39 -24.20
C2 EDO LA . -1.07 -0.99 -24.64
O2 EDO LA . -2.22 -1.51 -25.32
C1 EDO MA . -0.46 -13.82 7.78
O1 EDO MA . -1.23 -13.84 8.99
C2 EDO MA . 0.11 -15.21 7.48
O2 EDO MA . 1.54 -15.17 7.65
C1 EDO NA . -26.33 -23.26 8.05
O1 EDO NA . -26.41 -24.55 8.68
C2 EDO NA . -25.43 -23.36 6.81
O2 EDO NA . -25.00 -22.05 6.40
C1 EDO OA . 22.29 -25.21 -18.24
O1 EDO OA . 23.30 -24.25 -18.19
C2 EDO OA . 22.07 -25.54 -19.67
O2 EDO OA . 20.94 -26.38 -19.68
C1 GOL PA . 5.33 -8.58 -4.92
O1 GOL PA . 5.45 -7.49 -5.84
C2 GOL PA . 4.96 -9.87 -5.67
O2 GOL PA . 4.96 -11.01 -4.79
C3 GOL PA . 5.88 -10.13 -6.87
O3 GOL PA . 7.16 -10.68 -6.55
C1 NGA QA . -1.35 -27.58 -4.71
C2 NGA QA . 0.15 -27.75 -5.03
C3 NGA QA . 0.81 -28.82 -4.15
C4 NGA QA . 0.47 -28.53 -2.68
C5 NGA QA . -1.05 -28.28 -2.47
C6 NGA QA . -1.47 -27.96 -1.03
C7 NGA QA . 1.24 -27.60 -7.23
C8 NGA QA . 1.27 -28.16 -8.60
N2 NGA QA . 0.33 -28.14 -6.40
O3 NGA QA . 2.22 -28.90 -4.42
O4 NGA QA . 1.27 -27.44 -2.25
O5 NGA QA . -1.56 -27.23 -3.33
O6 NGA QA . -2.90 -28.20 -0.93
O7 NGA QA . 1.99 -26.69 -6.90
C1 NGA RA . 9.87 -42.20 -4.52
C2 NGA RA . 10.81 -41.77 -5.66
C3 NGA RA . 12.11 -42.55 -5.54
C4 NGA RA . 12.76 -42.42 -4.17
C5 NGA RA . 11.71 -42.80 -3.12
C6 NGA RA . 12.22 -42.77 -1.68
C7 NGA RA . 10.04 -41.08 -7.92
C8 NGA RA . 9.37 -41.54 -9.19
N2 NGA RA . 10.20 -42.00 -6.96
O3 NGA RA . 13.01 -42.15 -6.60
O4 NGA RA . 13.25 -41.10 -3.98
O5 NGA RA . 10.54 -41.94 -3.27
O6 NGA RA . 11.09 -42.79 -0.78
O7 NGA RA . 10.43 -39.91 -7.80
#